data_2MMM
#
_entry.id   2MMM
#
_entity_poly.entity_id   1
_entity_poly.type   'polypeptide(L)'
_entity_poly.pdbx_seq_one_letter_code
;GGLKKLGKKLEGAGKRVFKASEKALPVVVGIKAIGK
;
_entity_poly.pdbx_strand_id   A
#
# COMPACT_ATOMS: atom_id res chain seq x y z
N GLY A 1 5.30 23.55 -8.81
CA GLY A 1 4.32 22.52 -9.25
C GLY A 1 3.84 21.65 -8.10
N GLY A 2 2.53 21.49 -7.97
CA GLY A 2 1.98 20.68 -6.91
C GLY A 2 1.91 19.20 -7.28
N LEU A 3 1.91 18.92 -8.58
CA LEU A 3 1.85 17.53 -9.05
C LEU A 3 2.85 16.66 -8.31
N LYS A 4 4.12 16.99 -8.45
CA LYS A 4 5.19 16.26 -7.78
C LYS A 4 5.01 16.33 -6.27
N LYS A 5 4.31 17.37 -5.80
CA LYS A 5 4.07 17.56 -4.38
C LYS A 5 3.12 16.50 -3.85
N LEU A 6 2.11 16.17 -4.63
CA LEU A 6 1.12 15.17 -4.23
C LEU A 6 1.65 13.76 -4.46
N GLY A 7 2.36 13.57 -5.58
CA GLY A 7 2.90 12.27 -5.90
C GLY A 7 4.04 11.87 -4.98
N LYS A 8 4.68 12.86 -4.35
CA LYS A 8 5.78 12.60 -3.44
C LYS A 8 5.31 12.54 -1.99
N LYS A 9 4.21 13.23 -1.70
CA LYS A 9 3.67 13.24 -0.35
C LYS A 9 3.05 11.89 0.02
N LEU A 10 2.00 11.52 -0.71
CA LEU A 10 1.32 10.26 -0.48
C LEU A 10 2.28 9.08 -0.59
N GLU A 11 3.18 9.13 -1.57
CA GLU A 11 4.15 8.07 -1.78
C GLU A 11 4.91 7.76 -0.50
N GLY A 12 5.23 8.79 0.27
CA GLY A 12 5.97 8.62 1.50
C GLY A 12 5.29 7.63 2.44
N ALA A 13 3.96 7.67 2.49
CA ALA A 13 3.20 6.78 3.35
C ALA A 13 3.25 5.35 2.84
N GLY A 14 2.97 5.17 1.55
CA GLY A 14 2.99 3.84 0.96
C GLY A 14 4.31 3.12 1.17
N LYS A 15 5.37 3.88 1.42
CA LYS A 15 6.69 3.29 1.64
C LYS A 15 6.84 2.78 3.08
N ARG A 16 6.31 3.54 4.03
CA ARG A 16 6.39 3.14 5.43
C ARG A 16 5.29 2.14 5.77
N VAL A 17 4.13 2.35 5.17
CA VAL A 17 2.97 1.48 5.41
C VAL A 17 3.14 0.12 4.75
N PHE A 18 3.99 0.06 3.73
CA PHE A 18 4.23 -1.19 3.01
C PHE A 18 4.51 -2.33 4.00
N LYS A 19 5.04 -1.98 5.17
CA LYS A 19 5.34 -2.96 6.20
C LYS A 19 4.04 -3.41 6.89
N ALA A 20 3.11 -2.46 7.01
CA ALA A 20 1.83 -2.73 7.63
C ALA A 20 0.97 -3.59 6.71
N SER A 21 1.10 -3.36 5.41
CA SER A 21 0.34 -4.11 4.42
C SER A 21 1.04 -5.42 4.05
N GLU A 22 2.32 -5.34 3.72
CA GLU A 22 3.10 -6.51 3.35
C GLU A 22 2.94 -7.63 4.38
N LYS A 23 2.81 -7.23 5.65
CA LYS A 23 2.66 -8.19 6.74
C LYS A 23 1.31 -8.90 6.65
N ALA A 24 0.30 -8.19 6.18
CA ALA A 24 -1.03 -8.75 6.05
C ALA A 24 -1.35 -9.18 4.62
N LEU A 25 -0.32 -9.22 3.76
CA LEU A 25 -0.55 -9.64 2.39
C LEU A 25 -1.20 -11.01 2.35
N PRO A 26 -0.70 -11.92 3.19
CA PRO A 26 -1.26 -13.26 3.32
C PRO A 26 -2.66 -13.19 3.90
N VAL A 27 -2.93 -12.07 4.60
CA VAL A 27 -4.21 -11.83 5.23
C VAL A 27 -5.10 -10.96 4.35
N VAL A 28 -4.50 -10.31 3.37
CA VAL A 28 -5.24 -9.47 2.43
C VAL A 28 -5.47 -10.26 1.15
N VAL A 29 -4.55 -11.18 0.88
CA VAL A 29 -4.63 -12.04 -0.29
C VAL A 29 -5.55 -13.20 -0.03
N GLY A 30 -5.45 -13.78 1.14
CA GLY A 30 -6.29 -14.91 1.49
C GLY A 30 -7.73 -14.69 1.11
N ILE A 31 -8.14 -13.42 1.10
CA ILE A 31 -9.51 -13.07 0.73
C ILE A 31 -9.61 -12.96 -0.78
N LYS A 32 -8.58 -12.38 -1.39
CA LYS A 32 -8.53 -12.25 -2.83
C LYS A 32 -8.18 -13.59 -3.46
N ALA A 33 -7.54 -14.45 -2.67
CA ALA A 33 -7.15 -15.77 -3.13
C ALA A 33 -8.30 -16.76 -2.98
N ILE A 34 -9.18 -16.48 -2.01
CA ILE A 34 -10.34 -17.33 -1.77
C ILE A 34 -11.53 -16.85 -2.58
N GLY A 35 -11.74 -15.53 -2.56
CA GLY A 35 -12.82 -14.95 -3.32
C GLY A 35 -12.39 -14.63 -4.74
N LYS A 36 -11.11 -14.87 -5.03
CA LYS A 36 -10.56 -14.61 -6.34
C LYS A 36 -10.70 -13.13 -6.71
N GLY A 1 5.11 23.57 -8.49
CA GLY A 1 4.42 22.38 -9.06
C GLY A 1 3.90 21.44 -7.99
N GLY A 2 2.59 21.48 -7.75
CA GLY A 2 2.00 20.62 -6.74
C GLY A 2 1.99 19.16 -7.15
N LEU A 3 2.07 18.90 -8.46
CA LEU A 3 2.07 17.54 -8.97
C LEU A 3 3.04 16.67 -8.20
N LYS A 4 4.32 17.04 -8.24
CA LYS A 4 5.36 16.30 -7.53
C LYS A 4 5.08 16.31 -6.04
N LYS A 5 4.32 17.31 -5.58
CA LYS A 5 3.97 17.44 -4.18
C LYS A 5 3.03 16.31 -3.75
N LEU A 6 2.05 16.02 -4.60
CA LEU A 6 1.09 14.96 -4.32
C LEU A 6 1.65 13.59 -4.67
N GLY A 7 2.45 13.54 -5.72
CA GLY A 7 3.05 12.28 -6.15
C GLY A 7 4.04 11.74 -5.15
N LYS A 8 4.58 12.60 -4.30
CA LYS A 8 5.55 12.19 -3.29
C LYS A 8 4.93 12.13 -1.90
N LYS A 9 3.87 12.91 -1.70
CA LYS A 9 3.20 12.95 -0.41
C LYS A 9 2.53 11.61 -0.10
N LEU A 10 1.60 11.22 -0.96
CA LEU A 10 0.88 9.95 -0.78
C LEU A 10 1.84 8.77 -0.85
N GLU A 11 2.62 8.72 -1.93
CA GLU A 11 3.58 7.63 -2.13
C GLU A 11 4.48 7.46 -0.91
N GLY A 12 4.80 8.57 -0.25
CA GLY A 12 5.65 8.53 0.92
C GLY A 12 5.11 7.59 1.99
N ALA A 13 3.79 7.57 2.13
CA ALA A 13 3.15 6.72 3.13
C ALA A 13 3.21 5.25 2.71
N GLY A 14 2.90 5.00 1.44
CA GLY A 14 2.93 3.64 0.93
C GLY A 14 4.27 2.96 1.14
N LYS A 15 5.33 3.76 1.31
CA LYS A 15 6.66 3.22 1.52
C LYS A 15 6.85 2.75 2.96
N ARG A 16 6.34 3.52 3.91
CA ARG A 16 6.46 3.17 5.32
C ARG A 16 5.39 2.16 5.72
N VAL A 17 4.20 2.35 5.18
CA VAL A 17 3.07 1.47 5.48
C VAL A 17 3.25 0.10 4.85
N PHE A 18 4.08 0.02 3.81
CA PHE A 18 4.33 -1.25 3.14
C PHE A 18 4.61 -2.36 4.15
N LYS A 19 5.13 -1.99 5.32
CA LYS A 19 5.42 -2.96 6.37
C LYS A 19 4.12 -3.41 7.04
N ALA A 20 3.18 -2.47 7.15
CA ALA A 20 1.90 -2.75 7.76
C ALA A 20 1.04 -3.60 6.82
N SER A 21 1.20 -3.37 5.53
CA SER A 21 0.45 -4.12 4.52
C SER A 21 1.15 -5.43 4.17
N GLU A 22 2.45 -5.36 3.89
CA GLU A 22 3.23 -6.54 3.54
C GLU A 22 3.03 -7.65 4.57
N LYS A 23 2.88 -7.26 5.84
CA LYS A 23 2.69 -8.22 6.92
C LYS A 23 1.34 -8.93 6.79
N ALA A 24 0.31 -8.18 6.37
CA ALA A 24 -1.02 -8.74 6.21
C ALA A 24 -1.29 -9.15 4.77
N LEU A 25 -0.25 -9.20 3.93
CA LEU A 25 -0.45 -9.61 2.55
C LEU A 25 -1.11 -10.97 2.49
N PRO A 26 -0.66 -11.89 3.32
CA PRO A 26 -1.24 -13.23 3.44
C PRO A 26 -2.66 -13.14 4.00
N VAL A 27 -2.92 -12.03 4.68
CA VAL A 27 -4.21 -11.77 5.29
C VAL A 27 -5.07 -10.88 4.40
N VAL A 28 -4.44 -10.21 3.45
CA VAL A 28 -5.14 -9.36 2.51
C VAL A 28 -5.35 -10.11 1.21
N VAL A 29 -4.44 -11.05 0.95
CA VAL A 29 -4.51 -11.88 -0.25
C VAL A 29 -5.46 -13.04 -0.03
N GLY A 30 -5.38 -13.64 1.15
CA GLY A 30 -6.25 -14.76 1.46
C GLY A 30 -7.68 -14.50 1.05
N ILE A 31 -8.07 -13.24 1.07
CA ILE A 31 -9.43 -12.86 0.67
C ILE A 31 -9.50 -12.73 -0.85
N LYS A 32 -8.46 -12.14 -1.43
CA LYS A 32 -8.38 -11.98 -2.86
C LYS A 32 -8.03 -13.31 -3.51
N ALA A 33 -7.43 -14.20 -2.72
CA ALA A 33 -7.05 -15.52 -3.20
C ALA A 33 -8.22 -16.49 -3.08
N ILE A 34 -9.12 -16.21 -2.14
CA ILE A 34 -10.29 -17.05 -1.92
C ILE A 34 -11.47 -16.51 -2.73
N GLY A 35 -11.64 -15.20 -2.68
CA GLY A 35 -12.71 -14.57 -3.43
C GLY A 35 -12.26 -14.20 -4.83
N LYS A 36 -10.99 -14.48 -5.12
CA LYS A 36 -10.42 -14.18 -6.43
C LYS A 36 -10.50 -12.68 -6.73
N GLY A 1 6.01 24.10 -8.02
CA GLY A 1 5.18 23.02 -8.62
C GLY A 1 4.65 22.05 -7.57
N GLY A 2 3.33 21.93 -7.50
CA GLY A 2 2.72 21.03 -6.53
C GLY A 2 2.87 19.57 -6.92
N LEU A 3 3.08 19.32 -8.21
CA LEU A 3 3.24 17.95 -8.70
C LEU A 3 4.22 17.16 -7.84
N LYS A 4 5.46 17.64 -7.78
CA LYS A 4 6.48 17.00 -6.97
C LYS A 4 6.07 16.99 -5.50
N LYS A 5 5.21 17.94 -5.13
CA LYS A 5 4.73 18.05 -3.76
C LYS A 5 3.84 16.86 -3.40
N LEU A 6 2.97 16.48 -4.32
CA LEU A 6 2.07 15.36 -4.10
C LEU A 6 2.77 14.03 -4.39
N GLY A 7 3.58 14.01 -5.44
CA GLY A 7 4.30 12.81 -5.80
C GLY A 7 5.26 12.35 -4.72
N LYS A 8 5.66 13.27 -3.85
CA LYS A 8 6.58 12.94 -2.76
C LYS A 8 5.83 12.79 -1.44
N LYS A 9 4.81 13.62 -1.25
CA LYS A 9 4.00 13.57 -0.03
C LYS A 9 3.27 12.24 0.09
N LEU A 10 2.46 11.93 -0.92
CA LEU A 10 1.70 10.69 -0.94
C LEU A 10 2.64 9.48 -0.90
N GLU A 11 3.70 9.54 -1.70
CA GLU A 11 4.66 8.45 -1.75
C GLU A 11 5.24 8.15 -0.38
N GLY A 12 5.61 9.21 0.35
CA GLY A 12 6.16 9.04 1.68
C GLY A 12 5.24 8.26 2.60
N ALA A 13 3.96 8.64 2.62
CA ALA A 13 2.98 7.97 3.46
C ALA A 13 2.62 6.60 2.90
N GLY A 14 2.38 6.55 1.59
CA GLY A 14 2.04 5.31 0.94
C GLY A 14 3.09 4.23 1.15
N LYS A 15 4.31 4.66 1.43
CA LYS A 15 5.40 3.72 1.65
C LYS A 15 5.14 2.89 2.91
N ARG A 16 4.97 3.57 4.04
CA ARG A 16 4.69 2.87 5.29
C ARG A 16 3.39 2.09 5.17
N VAL A 17 2.56 2.47 4.20
CA VAL A 17 1.28 1.80 3.96
C VAL A 17 1.50 0.54 3.15
N PHE A 18 2.25 0.67 2.05
CA PHE A 18 2.53 -0.46 1.18
C PHE A 18 3.01 -1.64 2.03
N LYS A 19 3.92 -1.35 2.96
CA LYS A 19 4.45 -2.37 3.84
C LYS A 19 3.37 -2.78 4.84
N ALA A 20 2.49 -1.84 5.17
CA ALA A 20 1.39 -2.09 6.09
C ALA A 20 0.51 -3.21 5.56
N SER A 21 0.18 -3.14 4.27
CA SER A 21 -0.65 -4.15 3.64
C SER A 21 0.20 -5.33 3.17
N GLU A 22 1.41 -5.04 2.73
CA GLU A 22 2.34 -6.07 2.26
C GLU A 22 2.56 -7.12 3.35
N LYS A 23 2.49 -6.68 4.61
CA LYS A 23 2.68 -7.59 5.73
C LYS A 23 1.48 -8.51 5.89
N ALA A 24 0.31 -8.02 5.51
CA ALA A 24 -0.92 -8.80 5.60
C ALA A 24 -1.33 -9.34 4.24
N LEU A 25 -0.43 -9.28 3.26
CA LEU A 25 -0.76 -9.80 1.94
C LEU A 25 -1.18 -11.26 2.05
N PRO A 26 -0.46 -12.03 2.84
CA PRO A 26 -0.78 -13.42 3.10
C PRO A 26 -2.11 -13.52 3.84
N VAL A 27 -2.44 -12.45 4.54
CA VAL A 27 -3.67 -12.34 5.32
C VAL A 27 -4.76 -11.63 4.53
N VAL A 28 -4.38 -11.05 3.40
CA VAL A 28 -5.31 -10.35 2.53
C VAL A 28 -5.56 -11.22 1.30
N VAL A 29 -4.57 -12.03 0.96
CA VAL A 29 -4.65 -12.94 -0.15
C VAL A 29 -5.37 -14.20 0.24
N GLY A 30 -5.05 -14.70 1.43
CA GLY A 30 -5.69 -15.91 1.92
C GLY A 30 -7.19 -15.89 1.71
N ILE A 31 -7.76 -14.69 1.71
CA ILE A 31 -9.20 -14.55 1.51
C ILE A 31 -9.49 -14.45 0.01
N LYS A 32 -8.58 -13.81 -0.70
CA LYS A 32 -8.72 -13.67 -2.14
C LYS A 32 -8.28 -14.97 -2.82
N ALA A 33 -7.49 -15.75 -2.12
CA ALA A 33 -7.01 -17.03 -2.64
C ALA A 33 -8.00 -18.14 -2.33
N ILE A 34 -8.84 -17.92 -1.33
CA ILE A 34 -9.84 -18.90 -0.92
C ILE A 34 -11.21 -18.60 -1.49
N GLY A 35 -11.59 -17.34 -1.44
CA GLY A 35 -12.87 -16.93 -1.96
C GLY A 35 -12.74 -15.79 -2.95
N LYS A 36 -11.49 -15.39 -3.22
CA LYS A 36 -11.24 -14.30 -4.16
C LYS A 36 -12.06 -13.06 -3.80
N GLY A 1 4.62 23.85 -9.53
CA GLY A 1 4.68 22.38 -9.75
C GLY A 1 4.25 21.59 -8.53
N GLY A 2 2.95 21.57 -8.26
CA GLY A 2 2.44 20.84 -7.12
C GLY A 2 2.45 19.34 -7.33
N LEU A 3 2.46 18.92 -8.59
CA LEU A 3 2.48 17.49 -8.92
C LEU A 3 3.52 16.75 -8.07
N LYS A 4 4.77 17.14 -8.23
CA LYS A 4 5.86 16.53 -7.48
C LYS A 4 5.66 16.75 -5.98
N LYS A 5 4.92 17.79 -5.65
CA LYS A 5 4.64 18.13 -4.25
C LYS A 5 3.72 17.08 -3.62
N LEU A 6 2.69 16.69 -4.37
CA LEU A 6 1.74 15.69 -3.89
C LEU A 6 2.28 14.28 -4.10
N GLY A 7 2.93 14.06 -5.23
CA GLY A 7 3.48 12.76 -5.53
C GLY A 7 4.48 12.30 -4.51
N LYS A 8 5.17 13.25 -3.88
CA LYS A 8 6.17 12.93 -2.86
C LYS A 8 5.52 12.72 -1.50
N LYS A 9 4.36 13.34 -1.30
CA LYS A 9 3.63 13.22 -0.03
C LYS A 9 3.12 11.81 0.15
N LEU A 10 2.22 11.41 -0.73
CA LEU A 10 1.63 10.07 -0.70
C LEU A 10 2.71 9.01 -0.70
N GLU A 11 3.66 9.16 -1.60
CA GLU A 11 4.78 8.23 -1.72
C GLU A 11 5.46 8.00 -0.38
N GLY A 12 5.57 9.06 0.41
CA GLY A 12 6.20 8.96 1.71
C GLY A 12 5.36 8.16 2.69
N ALA A 13 4.07 8.43 2.72
CA ALA A 13 3.16 7.73 3.62
C ALA A 13 2.91 6.30 3.14
N GLY A 14 2.88 6.12 1.83
CA GLY A 14 2.65 4.82 1.25
C GLY A 14 3.76 3.83 1.59
N LYS A 15 4.93 4.36 1.93
CA LYS A 15 6.07 3.52 2.26
C LYS A 15 5.79 2.72 3.53
N ARG A 16 5.51 3.43 4.62
CA ARG A 16 5.21 2.78 5.90
C ARG A 16 3.93 1.95 5.76
N VAL A 17 3.13 2.25 4.75
CA VAL A 17 1.89 1.54 4.51
C VAL A 17 2.13 0.28 3.69
N PHE A 18 2.96 0.40 2.66
CA PHE A 18 3.27 -0.74 1.81
C PHE A 18 3.69 -1.93 2.66
N LYS A 19 4.44 -1.65 3.72
CA LYS A 19 4.89 -2.68 4.65
C LYS A 19 3.72 -3.11 5.54
N ALA A 20 2.81 -2.16 5.81
CA ALA A 20 1.65 -2.42 6.62
C ALA A 20 0.75 -3.47 5.97
N SER A 21 0.59 -3.35 4.66
CA SER A 21 -0.23 -4.29 3.90
C SER A 21 0.59 -5.52 3.51
N GLU A 22 1.86 -5.30 3.22
CA GLU A 22 2.75 -6.39 2.83
C GLU A 22 2.78 -7.47 3.92
N LYS A 23 2.67 -7.03 5.17
CA LYS A 23 2.68 -7.94 6.30
C LYS A 23 1.41 -8.79 6.33
N ALA A 24 0.30 -8.20 5.86
CA ALA A 24 -0.97 -8.91 5.84
C ALA A 24 -1.32 -9.36 4.44
N LEU A 25 -0.38 -9.28 3.50
CA LEU A 25 -0.65 -9.72 2.14
C LEU A 25 -1.15 -11.15 2.14
N PRO A 26 -0.51 -12.01 2.94
CA PRO A 26 -0.91 -13.40 3.09
C PRO A 26 -2.28 -13.47 3.78
N VAL A 27 -2.61 -12.39 4.48
CA VAL A 27 -3.86 -12.27 5.21
C VAL A 27 -4.91 -11.50 4.40
N VAL A 28 -4.44 -10.78 3.38
CA VAL A 28 -5.32 -10.02 2.51
C VAL A 28 -5.56 -10.82 1.23
N VAL A 29 -4.57 -11.64 0.90
CA VAL A 29 -4.64 -12.49 -0.28
C VAL A 29 -5.42 -13.75 0.01
N GLY A 30 -5.18 -14.32 1.18
CA GLY A 30 -5.88 -15.52 1.57
C GLY A 30 -7.36 -15.43 1.29
N ILE A 31 -7.89 -14.22 1.34
CA ILE A 31 -9.31 -14.01 1.06
C ILE A 31 -9.52 -13.86 -0.44
N LYS A 32 -8.58 -13.17 -1.08
CA LYS A 32 -8.64 -12.97 -2.51
C LYS A 32 -8.21 -14.26 -3.22
N ALA A 33 -7.48 -15.10 -2.50
CA ALA A 33 -7.02 -16.36 -3.06
C ALA A 33 -8.06 -17.46 -2.85
N ILE A 34 -8.94 -17.25 -1.88
CA ILE A 34 -9.98 -18.23 -1.57
C ILE A 34 -11.32 -17.85 -2.17
N GLY A 35 -11.65 -16.57 -2.06
CA GLY A 35 -12.90 -16.08 -2.61
C GLY A 35 -12.69 -14.93 -3.56
N LYS A 36 -11.43 -14.57 -3.77
CA LYS A 36 -11.10 -13.46 -4.67
C LYS A 36 -11.86 -12.20 -4.29
N GLY A 1 6.09 23.24 -8.18
CA GLY A 1 5.71 21.87 -8.61
C GLY A 1 4.92 21.13 -7.56
N GLY A 2 3.60 21.35 -7.54
CA GLY A 2 2.76 20.69 -6.56
C GLY A 2 2.37 19.28 -6.98
N LEU A 3 2.35 19.04 -8.30
CA LEU A 3 1.99 17.73 -8.84
C LEU A 3 2.74 16.62 -8.12
N LYS A 4 4.05 16.67 -8.23
CA LYS A 4 4.92 15.69 -7.58
C LYS A 4 4.79 15.82 -6.08
N LYS A 5 4.39 17.00 -5.62
CA LYS A 5 4.23 17.27 -4.19
C LYS A 5 3.05 16.48 -3.64
N LEU A 6 2.00 16.35 -4.45
CA LEU A 6 0.81 15.61 -4.04
C LEU A 6 1.00 14.11 -4.21
N GLY A 7 1.72 13.73 -5.26
CA GLY A 7 1.97 12.32 -5.53
C GLY A 7 2.88 11.69 -4.49
N LYS A 8 4.08 12.26 -4.34
CA LYS A 8 5.05 11.74 -3.39
C LYS A 8 4.48 11.74 -1.98
N LYS A 9 3.54 12.63 -1.72
CA LYS A 9 2.91 12.72 -0.41
C LYS A 9 2.19 11.43 -0.06
N LEU A 10 1.27 11.03 -0.92
CA LEU A 10 0.50 9.81 -0.73
C LEU A 10 1.37 8.58 -0.97
N GLU A 11 2.02 8.55 -2.13
CA GLU A 11 2.88 7.43 -2.50
C GLU A 11 3.97 7.21 -1.45
N GLY A 12 4.41 8.30 -0.82
CA GLY A 12 5.44 8.20 0.19
C GLY A 12 5.04 7.29 1.33
N ALA A 13 3.76 7.35 1.71
CA ALA A 13 3.26 6.52 2.80
C ALA A 13 3.20 5.06 2.38
N GLY A 14 2.76 4.81 1.15
CA GLY A 14 2.67 3.45 0.66
C GLY A 14 4.00 2.71 0.73
N LYS A 15 5.10 3.46 0.78
CA LYS A 15 6.42 2.86 0.86
C LYS A 15 6.76 2.44 2.28
N ARG A 16 6.40 3.27 3.25
CA ARG A 16 6.67 2.98 4.65
C ARG A 16 5.61 2.03 5.21
N VAL A 17 4.36 2.26 4.83
CA VAL A 17 3.24 1.44 5.28
C VAL A 17 3.35 0.03 4.75
N PHE A 18 4.09 -0.14 3.66
CA PHE A 18 4.26 -1.46 3.04
C PHE A 18 4.55 -2.51 4.11
N LYS A 19 5.16 -2.08 5.22
CA LYS A 19 5.48 -2.98 6.32
C LYS A 19 4.20 -3.37 7.04
N ALA A 20 3.37 -2.37 7.26
CA ALA A 20 2.09 -2.56 7.93
C ALA A 20 1.16 -3.41 7.09
N SER A 21 1.26 -3.25 5.77
CA SER A 21 0.42 -4.00 4.83
C SER A 21 1.04 -5.37 4.53
N GLU A 22 2.34 -5.38 4.26
CA GLU A 22 3.04 -6.63 3.95
C GLU A 22 2.91 -7.61 5.10
N LYS A 23 2.61 -7.11 6.29
CA LYS A 23 2.44 -7.98 7.45
C LYS A 23 1.13 -8.74 7.34
N ALA A 24 0.14 -8.10 6.74
CA ALA A 24 -1.15 -8.72 6.54
C ALA A 24 -1.39 -9.00 5.07
N LEU A 25 -0.31 -9.02 4.27
CA LEU A 25 -0.47 -9.31 2.86
C LEU A 25 -1.02 -10.72 2.66
N PRO A 26 -0.60 -11.66 3.52
CA PRO A 26 -1.08 -13.02 3.48
C PRO A 26 -2.46 -13.11 4.11
N VAL A 27 -2.85 -12.02 4.77
CA VAL A 27 -4.14 -11.90 5.42
C VAL A 27 -5.04 -10.96 4.64
N VAL A 28 -4.45 -10.26 3.68
CA VAL A 28 -5.18 -9.34 2.82
C VAL A 28 -5.35 -9.98 1.45
N VAL A 29 -4.38 -10.81 1.09
CA VAL A 29 -4.41 -11.51 -0.18
C VAL A 29 -5.26 -12.76 -0.06
N GLY A 30 -5.13 -13.45 1.05
CA GLY A 30 -5.90 -14.65 1.28
C GLY A 30 -7.35 -14.48 0.90
N ILE A 31 -7.84 -13.26 1.04
CA ILE A 31 -9.23 -12.95 0.69
C ILE A 31 -9.33 -12.67 -0.80
N LYS A 32 -8.33 -11.98 -1.32
CA LYS A 32 -8.28 -11.66 -2.74
C LYS A 32 -7.84 -12.89 -3.52
N ALA A 33 -7.17 -13.81 -2.84
CA ALA A 33 -6.70 -15.05 -3.45
C ALA A 33 -7.81 -16.10 -3.43
N ILE A 34 -8.70 -15.99 -2.45
CA ILE A 34 -9.81 -16.92 -2.32
C ILE A 34 -11.03 -16.40 -3.07
N GLY A 35 -11.31 -15.12 -2.89
CA GLY A 35 -12.42 -14.50 -3.57
C GLY A 35 -12.01 -13.96 -4.92
N LYS A 36 -10.73 -14.09 -5.24
CA LYS A 36 -10.18 -13.62 -6.51
C LYS A 36 -10.39 -12.11 -6.65
N GLY A 1 5.57 23.77 -7.89
CA GLY A 1 4.57 22.86 -8.52
C GLY A 1 4.01 21.84 -7.53
N GLY A 2 2.70 21.63 -7.58
CA GLY A 2 2.07 20.68 -6.68
C GLY A 2 2.29 19.25 -7.11
N LEU A 3 2.52 19.04 -8.41
CA LEU A 3 2.75 17.70 -8.95
C LEU A 3 3.75 16.94 -8.12
N LYS A 4 4.97 17.46 -8.06
CA LYS A 4 6.03 16.85 -7.28
C LYS A 4 5.66 16.87 -5.80
N LYS A 5 4.79 17.80 -5.43
CA LYS A 5 4.34 17.92 -4.05
C LYS A 5 3.49 16.73 -3.65
N LEU A 6 2.63 16.29 -4.57
CA LEU A 6 1.75 15.15 -4.32
C LEU A 6 2.50 13.84 -4.54
N GLY A 7 3.38 13.83 -5.54
CA GLY A 7 4.14 12.64 -5.85
C GLY A 7 5.12 12.25 -4.74
N LYS A 8 5.49 13.23 -3.92
CA LYS A 8 6.43 12.99 -2.83
C LYS A 8 5.69 12.81 -1.51
N LYS A 9 4.54 13.46 -1.38
CA LYS A 9 3.74 13.37 -0.17
C LYS A 9 3.12 11.99 -0.02
N LEU A 10 2.23 11.65 -0.96
CA LEU A 10 1.57 10.35 -0.95
C LEU A 10 2.58 9.21 -0.89
N GLU A 11 3.66 9.35 -1.64
CA GLU A 11 4.70 8.33 -1.67
C GLU A 11 5.25 8.07 -0.27
N GLY A 12 5.50 9.13 0.48
CA GLY A 12 6.03 8.99 1.82
C GLY A 12 5.16 8.10 2.69
N ALA A 13 3.85 8.35 2.66
CA ALA A 13 2.91 7.57 3.45
C ALA A 13 2.77 6.16 2.88
N GLY A 14 2.61 6.08 1.56
CA GLY A 14 2.48 4.79 0.91
C GLY A 14 3.60 3.84 1.26
N LYS A 15 4.76 4.39 1.58
CA LYS A 15 5.92 3.57 1.95
C LYS A 15 5.62 2.83 3.26
N ARG A 16 5.36 3.60 4.31
CA ARG A 16 5.04 3.01 5.61
C ARG A 16 3.83 2.09 5.50
N VAL A 17 3.01 2.33 4.48
CA VAL A 17 1.81 1.55 4.25
C VAL A 17 2.10 0.29 3.46
N PHE A 18 2.95 0.40 2.45
CA PHE A 18 3.30 -0.76 1.62
C PHE A 18 3.67 -1.93 2.52
N LYS A 19 4.39 -1.63 3.60
CA LYS A 19 4.79 -2.65 4.56
C LYS A 19 3.60 -3.11 5.38
N ALA A 20 2.66 -2.20 5.60
CA ALA A 20 1.45 -2.52 6.35
C ALA A 20 0.66 -3.62 5.65
N SER A 21 0.58 -3.52 4.33
CA SER A 21 -0.13 -4.51 3.54
C SER A 21 0.78 -5.69 3.21
N GLU A 22 2.08 -5.42 3.06
CA GLU A 22 3.05 -6.46 2.76
C GLU A 22 3.07 -7.51 3.86
N LYS A 23 2.91 -7.06 5.11
CA LYS A 23 2.91 -7.97 6.24
C LYS A 23 1.60 -8.75 6.32
N ALA A 24 0.52 -8.12 5.83
CA ALA A 24 -0.79 -8.76 5.84
C ALA A 24 -1.18 -9.26 4.46
N LEU A 25 -0.23 -9.29 3.53
CA LEU A 25 -0.53 -9.77 2.19
C LEU A 25 -1.12 -11.18 2.26
N PRO A 26 -0.53 -12.03 3.09
CA PRO A 26 -1.02 -13.39 3.32
C PRO A 26 -2.38 -13.34 3.99
N VAL A 27 -2.66 -12.19 4.62
CA VAL A 27 -3.91 -11.96 5.33
C VAL A 27 -4.89 -11.17 4.48
N VAL A 28 -4.37 -10.50 3.46
CA VAL A 28 -5.21 -9.73 2.54
C VAL A 28 -5.48 -10.57 1.30
N VAL A 29 -4.56 -11.48 1.01
CA VAL A 29 -4.68 -12.38 -0.13
C VAL A 29 -5.55 -13.56 0.22
N GLY A 30 -5.35 -14.10 1.42
CA GLY A 30 -6.13 -15.23 1.86
C GLY A 30 -7.60 -15.06 1.56
N ILE A 31 -8.05 -13.81 1.55
CA ILE A 31 -9.45 -13.52 1.25
C ILE A 31 -9.66 -13.50 -0.25
N LYS A 32 -8.72 -12.90 -0.96
CA LYS A 32 -8.78 -12.83 -2.41
C LYS A 32 -8.41 -14.19 -2.99
N ALA A 33 -7.69 -14.99 -2.20
CA ALA A 33 -7.27 -16.31 -2.62
C ALA A 33 -8.38 -17.33 -2.34
N ILE A 34 -9.21 -17.02 -1.34
CA ILE A 34 -10.33 -17.90 -0.98
C ILE A 34 -11.59 -17.46 -1.70
N GLY A 35 -11.82 -16.15 -1.71
CA GLY A 35 -12.97 -15.61 -2.40
C GLY A 35 -12.70 -15.38 -3.86
N LYS A 36 -11.45 -15.64 -4.26
CA LYS A 36 -11.03 -15.46 -5.65
C LYS A 36 -9.79 -16.28 -5.96
N GLY A 1 8.01 24.17 -7.33
CA GLY A 1 6.90 23.43 -7.99
C GLY A 1 6.16 22.52 -7.03
N GLY A 2 4.83 22.59 -7.06
CA GLY A 2 4.03 21.75 -6.18
C GLY A 2 3.99 20.31 -6.62
N LEU A 3 4.27 20.07 -7.91
CA LEU A 3 4.27 18.71 -8.46
C LEU A 3 5.06 17.76 -7.57
N LYS A 4 6.35 18.06 -7.44
CA LYS A 4 7.23 17.25 -6.61
C LYS A 4 6.79 17.33 -5.16
N LYS A 5 6.09 18.41 -4.82
CA LYS A 5 5.59 18.62 -3.47
C LYS A 5 4.47 17.63 -3.16
N LEU A 6 3.54 17.49 -4.09
CA LEU A 6 2.41 16.58 -3.92
C LEU A 6 2.81 15.14 -4.26
N GLY A 7 3.65 15.00 -5.28
CA GLY A 7 4.10 13.68 -5.68
C GLY A 7 4.84 12.94 -4.58
N LYS A 8 5.38 13.70 -3.63
CA LYS A 8 6.12 13.10 -2.51
C LYS A 8 5.21 12.89 -1.30
N LYS A 9 4.21 13.75 -1.15
CA LYS A 9 3.28 13.65 -0.04
C LYS A 9 2.50 12.34 -0.12
N LEU A 10 1.82 12.14 -1.23
CA LEU A 10 1.03 10.93 -1.45
C LEU A 10 1.92 9.69 -1.39
N GLU A 11 2.98 9.71 -2.18
CA GLU A 11 3.92 8.60 -2.24
C GLU A 11 4.41 8.22 -0.84
N GLY A 12 4.68 9.24 -0.02
CA GLY A 12 5.15 9.00 1.33
C GLY A 12 4.19 8.12 2.11
N ALA A 13 2.90 8.40 2.00
CA ALA A 13 1.88 7.62 2.70
C ALA A 13 1.76 6.23 2.09
N GLY A 14 1.55 6.18 0.78
CA GLY A 14 1.41 4.92 0.08
C GLY A 14 2.55 3.97 0.40
N LYS A 15 3.72 4.52 0.69
CA LYS A 15 4.88 3.69 1.02
C LYS A 15 4.62 2.93 2.31
N ARG A 16 4.39 3.67 3.39
CA ARG A 16 4.10 3.07 4.68
C ARG A 16 2.92 2.12 4.56
N VAL A 17 2.02 2.44 3.65
CA VAL A 17 0.82 1.63 3.42
C VAL A 17 1.15 0.36 2.66
N PHE A 18 1.91 0.51 1.58
CA PHE A 18 2.30 -0.65 0.77
C PHE A 18 2.88 -1.74 1.68
N LYS A 19 3.67 -1.31 2.65
CA LYS A 19 4.27 -2.24 3.61
C LYS A 19 3.21 -2.69 4.60
N ALA A 20 2.24 -1.82 4.86
CA ALA A 20 1.16 -2.13 5.78
C ALA A 20 0.34 -3.30 5.27
N SER A 21 0.06 -3.31 3.97
CA SER A 21 -0.71 -4.38 3.36
C SER A 21 0.20 -5.54 2.98
N GLU A 22 1.40 -5.22 2.52
CA GLU A 22 2.37 -6.25 2.12
C GLU A 22 2.60 -7.23 3.28
N LYS A 23 2.55 -6.71 4.50
CA LYS A 23 2.76 -7.53 5.68
C LYS A 23 1.59 -8.50 5.88
N ALA A 24 0.40 -8.05 5.51
CA ALA A 24 -0.81 -8.87 5.64
C ALA A 24 -1.25 -9.42 4.30
N LEU A 25 -0.41 -9.29 3.26
CA LEU A 25 -0.78 -9.82 1.96
C LEU A 25 -1.13 -11.29 2.06
N PRO A 26 -0.32 -12.04 2.81
CA PRO A 26 -0.55 -13.45 3.07
C PRO A 26 -1.82 -13.63 3.90
N VAL A 27 -2.18 -12.56 4.61
CA VAL A 27 -3.37 -12.55 5.46
C VAL A 27 -4.55 -11.92 4.74
N VAL A 28 -4.28 -11.23 3.65
CA VAL A 28 -5.33 -10.60 2.86
C VAL A 28 -5.61 -11.46 1.63
N VAL A 29 -4.57 -12.20 1.21
CA VAL A 29 -4.67 -13.09 0.08
C VAL A 29 -5.28 -14.41 0.50
N GLY A 30 -4.85 -14.90 1.65
CA GLY A 30 -5.38 -16.16 2.15
C GLY A 30 -6.88 -16.24 2.03
N ILE A 31 -7.53 -15.08 2.10
CA ILE A 31 -8.99 -15.04 1.97
C ILE A 31 -9.37 -14.95 0.51
N LYS A 32 -8.55 -14.22 -0.26
CA LYS A 32 -8.78 -14.08 -1.68
C LYS A 32 -8.30 -15.32 -2.41
N ALA A 33 -7.41 -16.08 -1.76
CA ALA A 33 -6.88 -17.30 -2.33
C ALA A 33 -7.77 -18.48 -1.99
N ILE A 34 -8.55 -18.34 -0.94
CA ILE A 34 -9.45 -19.40 -0.49
C ILE A 34 -10.87 -19.20 -0.99
N GLY A 35 -11.34 -17.98 -0.89
CA GLY A 35 -12.68 -17.66 -1.34
C GLY A 35 -12.68 -16.54 -2.36
N LYS A 36 -11.49 -16.03 -2.67
CA LYS A 36 -11.36 -14.95 -3.65
C LYS A 36 -12.38 -13.85 -3.38
N GLY A 1 4.91 22.76 -8.86
CA GLY A 1 4.79 21.31 -9.22
C GLY A 1 4.02 20.53 -8.17
N GLY A 2 2.73 20.84 -8.02
CA GLY A 2 1.91 20.14 -7.04
C GLY A 2 1.64 18.70 -7.45
N LEU A 3 1.76 18.42 -8.74
CA LEU A 3 1.52 17.06 -9.24
C LEU A 3 2.41 16.07 -8.51
N LYS A 4 3.73 16.26 -8.64
CA LYS A 4 4.68 15.40 -7.96
C LYS A 4 4.52 15.53 -6.45
N LYS A 5 3.96 16.67 -6.03
CA LYS A 5 3.75 16.93 -4.61
C LYS A 5 2.68 15.99 -4.05
N LEU A 6 1.60 15.82 -4.79
CA LEU A 6 0.51 14.95 -4.36
C LEU A 6 0.94 13.49 -4.37
N GLY A 7 1.59 13.08 -5.46
CA GLY A 7 2.05 11.71 -5.57
C GLY A 7 3.11 11.36 -4.54
N LYS A 8 3.98 12.33 -4.25
CA LYS A 8 5.04 12.11 -3.27
C LYS A 8 4.48 12.02 -1.86
N LYS A 9 3.36 12.70 -1.62
CA LYS A 9 2.72 12.69 -0.32
C LYS A 9 2.26 11.29 0.06
N LEU A 10 1.42 10.70 -0.80
CA LEU A 10 0.91 9.37 -0.57
C LEU A 10 2.01 8.33 -0.67
N GLU A 11 2.87 8.49 -1.67
CA GLU A 11 3.97 7.55 -1.89
C GLU A 11 4.82 7.40 -0.63
N GLY A 12 5.04 8.50 0.07
CA GLY A 12 5.83 8.47 1.29
C GLY A 12 5.28 7.48 2.31
N ALA A 13 3.97 7.45 2.45
CA ALA A 13 3.32 6.55 3.40
C ALA A 13 3.42 5.10 2.92
N GLY A 14 3.19 4.89 1.63
CA GLY A 14 3.25 3.55 1.08
C GLY A 14 4.59 2.88 1.32
N LYS A 15 5.63 3.69 1.57
CA LYS A 15 6.96 3.15 1.81
C LYS A 15 7.11 2.69 3.25
N ARG A 16 6.56 3.47 4.19
CA ARG A 16 6.64 3.11 5.61
C ARG A 16 5.56 2.09 5.96
N VAL A 17 4.39 2.25 5.35
CA VAL A 17 3.25 1.36 5.60
C VAL A 17 3.48 -0.01 4.98
N PHE A 18 4.35 -0.09 3.98
CA PHE A 18 4.63 -1.35 3.31
C PHE A 18 4.91 -2.45 4.33
N LYS A 19 5.40 -2.06 5.51
CA LYS A 19 5.69 -3.02 6.57
C LYS A 19 4.39 -3.44 7.25
N ALA A 20 3.46 -2.49 7.33
CA ALA A 20 2.16 -2.75 7.94
C ALA A 20 1.28 -3.55 6.99
N SER A 21 1.46 -3.31 5.70
CA SER A 21 0.70 -4.02 4.67
C SER A 21 1.33 -5.35 4.33
N GLU A 22 2.65 -5.36 4.14
CA GLU A 22 3.37 -6.58 3.80
C GLU A 22 3.07 -7.69 4.82
N LYS A 23 2.91 -7.29 6.08
CA LYS A 23 2.62 -8.24 7.14
C LYS A 23 1.26 -8.89 6.95
N ALA A 24 0.30 -8.09 6.47
CA ALA A 24 -1.06 -8.60 6.25
C ALA A 24 -1.28 -8.98 4.79
N LEU A 25 -0.20 -9.09 4.00
CA LEU A 25 -0.35 -9.49 2.61
C LEU A 25 -1.07 -10.82 2.52
N PRO A 26 -0.70 -11.75 3.38
CA PRO A 26 -1.34 -13.06 3.46
C PRO A 26 -2.78 -12.90 3.94
N VAL A 27 -3.02 -11.80 4.64
CA VAL A 27 -4.34 -11.48 5.17
C VAL A 27 -5.09 -10.52 4.25
N VAL A 28 -4.38 -9.99 3.26
CA VAL A 28 -4.97 -9.09 2.28
C VAL A 28 -5.15 -9.85 0.98
N VAL A 29 -4.27 -10.82 0.77
CA VAL A 29 -4.31 -11.66 -0.41
C VAL A 29 -5.32 -12.78 -0.25
N GLY A 30 -5.35 -13.35 0.94
CA GLY A 30 -6.27 -14.43 1.21
C GLY A 30 -7.67 -14.11 0.75
N ILE A 31 -8.00 -12.83 0.73
CA ILE A 31 -9.32 -12.40 0.28
C ILE A 31 -9.32 -12.22 -1.23
N LYS A 32 -8.18 -11.79 -1.75
CA LYS A 32 -8.02 -11.59 -3.18
C LYS A 32 -7.70 -12.94 -3.84
N ALA A 33 -7.18 -13.86 -3.04
CA ALA A 33 -6.84 -15.19 -3.54
C ALA A 33 -8.03 -16.13 -3.46
N ILE A 34 -8.99 -15.81 -2.61
CA ILE A 34 -10.18 -16.63 -2.43
C ILE A 34 -11.30 -16.21 -3.35
N GLY A 35 -11.56 -14.91 -3.39
CA GLY A 35 -12.61 -14.40 -4.24
C GLY A 35 -12.12 -13.24 -5.07
N LYS A 36 -10.82 -12.95 -4.96
CA LYS A 36 -10.22 -11.85 -5.73
C LYS A 36 -11.02 -10.57 -5.54
N GLY A 1 4.84 23.82 -8.81
CA GLY A 1 3.93 22.69 -9.18
C GLY A 1 3.64 21.78 -8.02
N GLY A 2 2.36 21.56 -7.74
CA GLY A 2 1.97 20.69 -6.65
C GLY A 2 1.92 19.23 -7.06
N LEU A 3 1.78 18.96 -8.35
CA LEU A 3 1.72 17.59 -8.86
C LEU A 3 2.81 16.74 -8.24
N LYS A 4 4.06 17.12 -8.48
CA LYS A 4 5.20 16.39 -7.93
C LYS A 4 5.10 16.36 -6.39
N LYS A 5 4.38 17.33 -5.83
CA LYS A 5 4.20 17.41 -4.39
C LYS A 5 3.24 16.34 -3.89
N LEU A 6 2.24 16.04 -4.71
CA LEU A 6 1.25 15.03 -4.35
C LEU A 6 1.76 13.62 -4.66
N GLY A 7 2.60 13.51 -5.68
CA GLY A 7 3.15 12.22 -6.06
C GLY A 7 4.17 11.71 -5.07
N LYS A 8 4.76 12.62 -4.29
CA LYS A 8 5.76 12.25 -3.30
C LYS A 8 5.14 12.10 -1.91
N LYS A 9 4.09 12.88 -1.66
CA LYS A 9 3.40 12.85 -0.38
C LYS A 9 2.73 11.49 -0.15
N LEU A 10 1.85 11.12 -1.06
CA LEU A 10 1.12 9.85 -0.96
C LEU A 10 2.10 8.67 -0.95
N GLU A 11 3.04 8.67 -1.89
CA GLU A 11 4.02 7.61 -1.99
C GLU A 11 4.76 7.41 -0.67
N GLY A 12 5.06 8.52 0.01
CA GLY A 12 5.75 8.45 1.27
C GLY A 12 5.08 7.53 2.27
N ALA A 13 3.75 7.56 2.30
CA ALA A 13 2.99 6.73 3.20
C ALA A 13 3.10 5.25 2.81
N GLY A 14 2.90 4.97 1.53
CA GLY A 14 2.99 3.62 1.04
C GLY A 14 4.32 2.96 1.37
N LYS A 15 5.40 3.75 1.32
CA LYS A 15 6.72 3.22 1.63
C LYS A 15 6.78 2.72 3.06
N ARG A 16 6.09 3.43 3.95
CA ARG A 16 6.05 3.05 5.36
C ARG A 16 5.01 1.96 5.58
N VAL A 17 3.79 2.23 5.12
CA VAL A 17 2.69 1.29 5.26
C VAL A 17 3.00 -0.06 4.65
N PHE A 18 3.95 -0.09 3.73
CA PHE A 18 4.34 -1.34 3.08
C PHE A 18 4.62 -2.42 4.13
N LYS A 19 5.04 -1.99 5.32
CA LYS A 19 5.32 -2.90 6.41
C LYS A 19 4.01 -3.36 7.04
N ALA A 20 3.04 -2.45 7.07
CA ALA A 20 1.73 -2.75 7.63
C ALA A 20 0.93 -3.62 6.67
N SER A 21 1.15 -3.41 5.38
CA SER A 21 0.46 -4.17 4.34
C SER A 21 1.17 -5.49 4.06
N GLU A 22 2.49 -5.43 3.90
CA GLU A 22 3.29 -6.63 3.61
C GLU A 22 3.03 -7.71 4.66
N LYS A 23 2.85 -7.28 5.91
CA LYS A 23 2.60 -8.22 6.99
C LYS A 23 1.23 -8.87 6.85
N ALA A 24 0.27 -8.11 6.32
CA ALA A 24 -1.08 -8.63 6.13
C ALA A 24 -1.32 -9.08 4.69
N LEU A 25 -0.26 -9.21 3.90
CA LEU A 25 -0.44 -9.65 2.52
C LEU A 25 -1.13 -11.01 2.52
N PRO A 26 -0.72 -11.89 3.41
CA PRO A 26 -1.34 -13.21 3.57
C PRO A 26 -2.78 -13.06 4.04
N VAL A 27 -3.02 -11.93 4.72
CA VAL A 27 -4.33 -11.60 5.25
C VAL A 27 -5.12 -10.73 4.28
N VAL A 28 -4.44 -10.21 3.28
CA VAL A 28 -5.07 -9.39 2.25
C VAL A 28 -5.25 -10.23 0.99
N VAL A 29 -4.35 -11.20 0.83
CA VAL A 29 -4.39 -12.10 -0.30
C VAL A 29 -5.37 -13.22 -0.05
N GLY A 30 -5.36 -13.73 1.17
CA GLY A 30 -6.26 -14.81 1.53
C GLY A 30 -7.67 -14.55 1.05
N ILE A 31 -8.03 -13.27 0.96
CA ILE A 31 -9.36 -12.91 0.49
C ILE A 31 -9.37 -12.84 -1.04
N LYS A 32 -8.27 -12.35 -1.59
CA LYS A 32 -8.12 -12.26 -3.03
C LYS A 32 -7.78 -13.63 -3.59
N ALA A 33 -7.25 -14.50 -2.73
CA ALA A 33 -6.90 -15.85 -3.15
C ALA A 33 -8.09 -16.79 -3.01
N ILE A 34 -9.05 -16.41 -2.19
CA ILE A 34 -10.24 -17.22 -1.95
C ILE A 34 -11.42 -16.76 -2.78
N GLY A 35 -11.61 -15.44 -2.81
CA GLY A 35 -12.69 -14.88 -3.58
C GLY A 35 -12.21 -13.86 -4.60
N LYS A 36 -10.90 -13.65 -4.62
CA LYS A 36 -10.30 -12.70 -5.55
C LYS A 36 -11.08 -11.38 -5.57
N GLY A 1 5.53 21.24 -9.77
CA GLY A 1 4.04 21.17 -9.84
C GLY A 1 3.44 20.38 -8.69
N GLY A 2 2.11 20.36 -8.62
CA GLY A 2 1.44 19.63 -7.56
C GLY A 2 1.50 18.13 -7.74
N LEU A 3 1.72 17.70 -8.97
CA LEU A 3 1.80 16.26 -9.28
C LEU A 3 2.69 15.55 -8.28
N LYS A 4 3.96 15.94 -8.24
CA LYS A 4 4.92 15.35 -7.32
C LYS A 4 4.48 15.58 -5.88
N LYS A 5 3.67 16.62 -5.67
CA LYS A 5 3.17 16.94 -4.35
C LYS A 5 2.18 15.90 -3.85
N LEU A 6 1.37 15.40 -4.78
CA LEU A 6 0.36 14.39 -4.45
C LEU A 6 0.98 13.00 -4.39
N GLY A 7 1.82 12.69 -5.37
CA GLY A 7 2.47 11.40 -5.42
C GLY A 7 3.36 11.15 -4.23
N LYS A 8 4.27 12.08 -3.96
CA LYS A 8 5.20 11.95 -2.85
C LYS A 8 4.44 11.80 -1.53
N LYS A 9 3.25 12.40 -1.45
CA LYS A 9 2.44 12.33 -0.25
C LYS A 9 2.02 10.88 0.04
N LEU A 10 1.37 10.27 -0.94
CA LEU A 10 0.93 8.88 -0.80
C LEU A 10 2.12 7.93 -0.70
N GLU A 11 2.99 8.00 -1.69
CA GLU A 11 4.18 7.15 -1.73
C GLU A 11 4.96 7.24 -0.42
N GLY A 12 5.01 8.45 0.15
CA GLY A 12 5.73 8.65 1.39
C GLY A 12 5.09 7.93 2.57
N ALA A 13 3.76 7.84 2.54
CA ALA A 13 3.02 7.18 3.60
C ALA A 13 3.05 5.67 3.43
N GLY A 14 2.98 5.22 2.18
CA GLY A 14 2.99 3.80 1.89
C GLY A 14 4.36 3.17 2.08
N LYS A 15 5.42 3.96 1.92
CA LYS A 15 6.77 3.43 2.08
C LYS A 15 7.02 2.96 3.50
N ARG A 16 6.49 3.68 4.47
CA ARG A 16 6.64 3.30 5.88
C ARG A 16 5.61 2.23 6.25
N VAL A 17 4.45 2.31 5.62
CA VAL A 17 3.35 1.38 5.88
C VAL A 17 3.53 0.06 5.16
N PHE A 18 4.30 0.07 4.08
CA PHE A 18 4.53 -1.15 3.30
C PHE A 18 4.93 -2.31 4.21
N LYS A 19 5.54 -1.98 5.34
CA LYS A 19 5.96 -2.99 6.31
C LYS A 19 4.76 -3.48 7.10
N ALA A 20 3.81 -2.57 7.30
CA ALA A 20 2.58 -2.87 8.02
C ALA A 20 1.62 -3.63 7.13
N SER A 21 1.65 -3.33 5.83
CA SER A 21 0.79 -3.99 4.86
C SER A 21 1.41 -5.29 4.37
N GLU A 22 2.70 -5.25 4.05
CA GLU A 22 3.40 -6.43 3.56
C GLU A 22 3.21 -7.61 4.51
N LYS A 23 3.18 -7.31 5.81
CA LYS A 23 3.00 -8.33 6.83
C LYS A 23 1.63 -8.99 6.71
N ALA A 24 0.64 -8.20 6.28
CA ALA A 24 -0.71 -8.71 6.11
C ALA A 24 -1.04 -9.00 4.65
N LEU A 25 -0.02 -9.01 3.79
CA LEU A 25 -0.26 -9.31 2.38
C LEU A 25 -0.97 -10.64 2.24
N PRO A 26 -0.52 -11.64 3.01
CA PRO A 26 -1.14 -12.96 3.03
C PRO A 26 -2.55 -12.86 3.60
N VAL A 27 -2.75 -11.82 4.40
CA VAL A 27 -4.04 -11.55 5.04
C VAL A 27 -4.87 -10.56 4.22
N VAL A 28 -4.21 -9.89 3.28
CA VAL A 28 -4.88 -8.95 2.40
C VAL A 28 -5.15 -9.61 1.06
N VAL A 29 -4.28 -10.56 0.73
CA VAL A 29 -4.39 -11.31 -0.51
C VAL A 29 -5.38 -12.44 -0.35
N GLY A 30 -5.32 -13.12 0.78
CA GLY A 30 -6.23 -14.22 1.04
C GLY A 30 -7.65 -13.88 0.66
N ILE A 31 -7.99 -12.59 0.76
CA ILE A 31 -9.33 -12.14 0.40
C ILE A 31 -9.41 -11.92 -1.09
N LYS A 32 -8.35 -11.34 -1.65
CA LYS A 32 -8.29 -11.09 -3.08
C LYS A 32 -7.99 -12.40 -3.81
N ALA A 33 -7.42 -13.36 -3.07
CA ALA A 33 -7.10 -14.66 -3.63
C ALA A 33 -8.31 -15.58 -3.57
N ILE A 34 -9.18 -15.33 -2.59
CA ILE A 34 -10.40 -16.12 -2.41
C ILE A 34 -11.56 -15.49 -3.17
N GLY A 35 -11.68 -14.18 -3.05
CA GLY A 35 -12.72 -13.46 -3.75
C GLY A 35 -12.27 -13.06 -5.14
N LYS A 36 -11.01 -13.37 -5.46
CA LYS A 36 -10.45 -13.03 -6.76
C LYS A 36 -10.51 -11.53 -7.00
N GLY A 1 5.98 23.33 -7.87
CA GLY A 1 4.75 22.68 -8.40
C GLY A 1 4.13 21.72 -7.39
N GLY A 2 2.81 21.73 -7.32
CA GLY A 2 2.11 20.85 -6.40
C GLY A 2 2.06 19.42 -6.88
N LEU A 3 2.21 19.21 -8.19
CA LEU A 3 2.18 17.88 -8.78
C LEU A 3 3.06 16.92 -7.99
N LYS A 4 4.35 17.23 -7.94
CA LYS A 4 5.30 16.41 -7.20
C LYS A 4 4.92 16.36 -5.72
N LYS A 5 4.19 17.38 -5.27
CA LYS A 5 3.76 17.46 -3.88
C LYS A 5 2.73 16.38 -3.57
N LEU A 6 1.81 16.15 -4.51
CA LEU A 6 0.77 15.16 -4.33
C LEU A 6 1.33 13.75 -4.49
N GLY A 7 2.23 13.58 -5.46
CA GLY A 7 2.83 12.27 -5.69
C GLY A 7 3.70 11.82 -4.53
N LYS A 8 4.66 12.65 -4.16
CA LYS A 8 5.56 12.33 -3.06
C LYS A 8 4.79 12.08 -1.77
N LYS A 9 3.61 12.68 -1.65
CA LYS A 9 2.77 12.52 -0.47
C LYS A 9 2.32 11.07 -0.33
N LEU A 10 1.63 10.57 -1.35
CA LEU A 10 1.14 9.20 -1.35
C LEU A 10 2.28 8.21 -1.40
N GLU A 11 3.23 8.44 -2.30
CA GLU A 11 4.38 7.56 -2.45
C GLU A 11 5.15 7.42 -1.14
N GLY A 12 5.41 8.55 -0.49
CA GLY A 12 6.12 8.54 0.77
C GLY A 12 5.48 7.63 1.79
N ALA A 13 4.17 7.76 1.96
CA ALA A 13 3.43 6.94 2.92
C ALA A 13 3.48 5.47 2.52
N GLY A 14 3.25 5.22 1.24
CA GLY A 14 3.25 3.85 0.74
C GLY A 14 4.55 3.12 1.07
N LYS A 15 5.67 3.84 1.00
CA LYS A 15 6.96 3.23 1.31
C LYS A 15 7.00 2.74 2.74
N ARG A 16 6.36 3.49 3.64
CA ARG A 16 6.31 3.13 5.05
C ARG A 16 5.21 2.09 5.29
N VAL A 17 4.01 2.44 4.84
CA VAL A 17 2.85 1.58 5.00
C VAL A 17 3.08 0.19 4.42
N PHE A 18 4.00 0.10 3.47
CA PHE A 18 4.32 -1.17 2.83
C PHE A 18 4.57 -2.24 3.89
N LYS A 19 5.02 -1.82 5.07
CA LYS A 19 5.28 -2.74 6.17
C LYS A 19 3.97 -3.11 6.84
N ALA A 20 3.05 -2.16 6.87
CA ALA A 20 1.74 -2.39 7.46
C ALA A 20 0.89 -3.27 6.55
N SER A 21 1.09 -3.12 5.25
CA SER A 21 0.35 -3.91 4.27
C SER A 21 1.03 -5.25 4.01
N GLU A 22 2.33 -5.21 3.74
CA GLU A 22 3.09 -6.44 3.48
C GLU A 22 2.86 -7.48 4.57
N LYS A 23 2.69 -7.01 5.80
CA LYS A 23 2.45 -7.89 6.94
C LYS A 23 1.11 -8.60 6.82
N ALA A 24 0.11 -7.89 6.30
CA ALA A 24 -1.22 -8.45 6.14
C ALA A 24 -1.48 -8.91 4.72
N LEU A 25 -0.43 -9.02 3.91
CA LEU A 25 -0.61 -9.48 2.53
C LEU A 25 -1.26 -10.85 2.53
N PRO A 26 -0.81 -11.72 3.43
CA PRO A 26 -1.38 -13.05 3.59
C PRO A 26 -2.81 -12.95 4.11
N VAL A 27 -3.08 -11.83 4.77
CA VAL A 27 -4.39 -11.54 5.33
C VAL A 27 -5.23 -10.70 4.38
N VAL A 28 -4.57 -10.12 3.38
CA VAL A 28 -5.25 -9.31 2.38
C VAL A 28 -5.44 -10.16 1.13
N VAL A 29 -4.52 -11.09 0.93
CA VAL A 29 -4.56 -12.00 -0.20
C VAL A 29 -5.50 -13.15 0.08
N GLY A 30 -5.44 -13.67 1.29
CA GLY A 30 -6.30 -14.78 1.66
C GLY A 30 -7.73 -14.56 1.21
N ILE A 31 -8.13 -13.30 1.14
CA ILE A 31 -9.48 -12.97 0.69
C ILE A 31 -9.53 -12.94 -0.83
N LYS A 32 -8.49 -12.41 -1.44
CA LYS A 32 -8.39 -12.35 -2.89
C LYS A 32 -8.01 -13.72 -3.42
N ALA A 33 -7.41 -14.54 -2.55
CA ALA A 33 -7.00 -15.89 -2.92
C ALA A 33 -8.16 -16.85 -2.74
N ILE A 34 -9.07 -16.53 -1.83
CA ILE A 34 -10.25 -17.36 -1.58
C ILE A 34 -11.41 -16.90 -2.45
N GLY A 35 -11.60 -15.60 -2.50
CA GLY A 35 -12.67 -15.05 -3.32
C GLY A 35 -12.20 -14.82 -4.74
N LYS A 36 -10.91 -15.11 -4.99
CA LYS A 36 -10.33 -14.94 -6.31
C LYS A 36 -10.51 -13.51 -6.81
N GLY A 1 6.94 23.14 -7.59
CA GLY A 1 5.80 22.46 -8.27
C GLY A 1 4.99 21.60 -7.31
N GLY A 2 3.78 22.05 -7.00
CA GLY A 2 2.92 21.30 -6.10
C GLY A 2 2.47 19.98 -6.68
N LEU A 3 2.52 19.86 -8.01
CA LEU A 3 2.12 18.63 -8.68
C LEU A 3 2.94 17.46 -8.15
N LYS A 4 4.26 17.54 -8.34
CA LYS A 4 5.15 16.50 -7.86
C LYS A 4 5.09 16.45 -6.33
N LYS A 5 4.70 17.56 -5.73
CA LYS A 5 4.59 17.66 -4.27
C LYS A 5 3.48 16.75 -3.75
N LEU A 6 2.37 16.70 -4.47
CA LEU A 6 1.24 15.87 -4.08
C LEU A 6 1.48 14.41 -4.46
N GLY A 7 2.08 14.20 -5.62
CA GLY A 7 2.36 12.85 -6.07
C GLY A 7 3.46 12.17 -5.28
N LYS A 8 4.31 12.98 -4.63
CA LYS A 8 5.41 12.46 -3.84
C LYS A 8 5.03 12.39 -2.36
N LYS A 9 4.11 13.26 -1.95
CA LYS A 9 3.67 13.30 -0.56
C LYS A 9 2.92 12.01 -0.19
N LEU A 10 1.83 11.75 -0.89
CA LEU A 10 1.03 10.56 -0.65
C LEU A 10 1.86 9.30 -0.82
N GLU A 11 2.54 9.19 -1.95
CA GLU A 11 3.38 8.04 -2.25
C GLU A 11 4.38 7.79 -1.13
N GLY A 12 4.87 8.86 -0.53
CA GLY A 12 5.84 8.75 0.55
C GLY A 12 5.34 7.86 1.68
N ALA A 13 4.04 7.96 1.98
CA ALA A 13 3.44 7.17 3.04
C ALA A 13 3.33 5.70 2.63
N GLY A 14 2.85 5.47 1.41
CA GLY A 14 2.70 4.12 0.92
C GLY A 14 4.00 3.33 0.96
N LYS A 15 5.13 4.04 0.99
CA LYS A 15 6.43 3.39 1.03
C LYS A 15 6.70 2.78 2.39
N ARG A 16 6.38 3.51 3.46
CA ARG A 16 6.59 3.00 4.81
C ARG A 16 5.47 2.06 5.23
N VAL A 17 4.25 2.41 4.85
CA VAL A 17 3.07 1.61 5.18
C VAL A 17 3.09 0.28 4.46
N PHE A 18 3.82 0.22 3.35
CA PHE A 18 3.91 -1.00 2.56
C PHE A 18 4.17 -2.23 3.45
N LYS A 19 4.80 -2.00 4.61
CA LYS A 19 5.09 -3.07 5.54
C LYS A 19 3.84 -3.43 6.34
N ALA A 20 3.03 -2.41 6.63
CA ALA A 20 1.79 -2.60 7.38
C ALA A 20 0.88 -3.57 6.64
N SER A 21 0.83 -3.43 5.32
CA SER A 21 0.00 -4.30 4.49
C SER A 21 0.77 -5.57 4.15
N GLU A 22 2.08 -5.43 4.00
CA GLU A 22 2.94 -6.58 3.69
C GLU A 22 2.78 -7.67 4.73
N LYS A 23 2.68 -7.26 5.99
CA LYS A 23 2.52 -8.20 7.09
C LYS A 23 1.17 -8.92 7.01
N ALA A 24 0.18 -8.25 6.44
CA ALA A 24 -1.14 -8.84 6.31
C ALA A 24 -1.44 -9.26 4.88
N LEU A 25 -0.42 -9.27 4.01
CA LEU A 25 -0.64 -9.69 2.64
C LEU A 25 -1.24 -11.08 2.61
N PRO A 26 -0.73 -11.98 3.44
CA PRO A 26 -1.26 -13.33 3.57
C PRO A 26 -2.66 -13.29 4.17
N VAL A 27 -2.94 -12.20 4.86
CA VAL A 27 -4.23 -11.98 5.51
C VAL A 27 -5.15 -11.12 4.65
N VAL A 28 -4.57 -10.48 3.64
CA VAL A 28 -5.34 -9.66 2.73
C VAL A 28 -5.55 -10.42 1.43
N VAL A 29 -4.61 -11.32 1.14
CA VAL A 29 -4.68 -12.15 -0.04
C VAL A 29 -5.56 -13.36 0.20
N GLY A 30 -5.44 -13.94 1.37
CA GLY A 30 -6.25 -15.10 1.71
C GLY A 30 -7.70 -14.90 1.38
N ILE A 31 -8.15 -13.65 1.41
CA ILE A 31 -9.54 -13.33 1.09
C ILE A 31 -9.69 -13.14 -0.41
N LYS A 32 -8.62 -12.69 -1.05
CA LYS A 32 -8.63 -12.49 -2.49
C LYS A 32 -8.25 -13.81 -3.18
N ALA A 33 -7.54 -14.65 -2.45
CA ALA A 33 -7.10 -15.94 -2.98
C ALA A 33 -8.15 -17.04 -2.78
N ILE A 34 -9.05 -16.84 -1.83
CA ILE A 34 -10.08 -17.83 -1.53
C ILE A 34 -11.00 -18.07 -2.72
N GLY A 35 -11.68 -17.03 -3.12
CA GLY A 35 -12.58 -17.12 -4.24
C GLY A 35 -12.41 -15.95 -5.16
N LYS A 36 -11.37 -15.15 -4.89
CA LYS A 36 -11.10 -13.97 -5.71
C LYS A 36 -9.88 -14.20 -6.60
N GLY A 1 4.63 21.86 -9.46
CA GLY A 1 3.53 22.33 -8.57
C GLY A 1 3.13 21.30 -7.53
N GLY A 2 1.85 21.28 -7.18
CA GLY A 2 1.37 20.32 -6.20
C GLY A 2 1.30 18.91 -6.74
N LEU A 3 1.19 18.77 -8.06
CA LEU A 3 1.12 17.47 -8.71
C LEU A 3 2.20 16.54 -8.17
N LYS A 4 3.44 16.94 -8.39
CA LYS A 4 4.59 16.18 -7.92
C LYS A 4 4.62 16.16 -6.39
N LYS A 5 3.99 17.17 -5.79
CA LYS A 5 3.93 17.27 -4.34
C LYS A 5 3.01 16.20 -3.76
N LEU A 6 1.95 15.89 -4.49
CA LEU A 6 0.99 14.87 -4.05
C LEU A 6 1.49 13.46 -4.36
N GLY A 7 2.20 13.34 -5.48
CA GLY A 7 2.71 12.05 -5.88
C GLY A 7 3.92 11.61 -5.07
N LYS A 8 4.60 12.59 -4.45
CA LYS A 8 5.77 12.28 -3.65
C LYS A 8 5.40 12.15 -2.16
N LYS A 9 4.61 13.09 -1.67
CA LYS A 9 4.20 13.08 -0.27
C LYS A 9 3.47 11.78 0.07
N LEU A 10 2.49 11.43 -0.76
CA LEU A 10 1.72 10.21 -0.56
C LEU A 10 2.60 8.98 -0.72
N GLU A 11 3.45 9.00 -1.74
CA GLU A 11 4.35 7.88 -2.01
C GLU A 11 5.23 7.58 -0.79
N GLY A 12 5.69 8.63 -0.12
CA GLY A 12 6.53 8.45 1.05
C GLY A 12 5.91 7.55 2.09
N ALA A 13 4.61 7.72 2.32
CA ALA A 13 3.90 6.90 3.29
C ALA A 13 3.81 5.45 2.84
N GLY A 14 3.45 5.27 1.57
CA GLY A 14 3.33 3.92 1.02
C GLY A 14 4.60 3.11 1.19
N LYS A 15 5.75 3.77 1.12
CA LYS A 15 7.03 3.08 1.27
C LYS A 15 7.16 2.50 2.67
N ARG A 16 6.66 3.24 3.65
CA ARG A 16 6.72 2.79 5.04
C ARG A 16 5.56 1.81 5.32
N VAL A 17 4.36 2.24 4.97
CA VAL A 17 3.16 1.45 5.18
C VAL A 17 3.26 0.09 4.50
N PHE A 18 4.11 -0.01 3.47
CA PHE A 18 4.29 -1.25 2.75
C PHE A 18 4.52 -2.41 3.72
N LYS A 19 5.06 -2.10 4.89
CA LYS A 19 5.32 -3.11 5.92
C LYS A 19 4.05 -3.39 6.70
N ALA A 20 3.24 -2.35 6.90
CA ALA A 20 1.98 -2.49 7.62
C ALA A 20 1.03 -3.37 6.84
N SER A 21 1.07 -3.24 5.51
CA SER A 21 0.22 -4.05 4.64
C SER A 21 0.87 -5.39 4.36
N GLU A 22 2.20 -5.38 4.30
CA GLU A 22 2.96 -6.60 4.03
C GLU A 22 2.66 -7.64 5.11
N LYS A 23 2.48 -7.19 6.34
CA LYS A 23 2.18 -8.07 7.45
C LYS A 23 0.82 -8.72 7.27
N ALA A 24 -0.09 -8.01 6.63
CA ALA A 24 -1.44 -8.53 6.39
C ALA A 24 -1.63 -8.94 4.94
N LEU A 25 -0.55 -9.06 4.18
CA LEU A 25 -0.67 -9.48 2.80
C LEU A 25 -1.35 -10.84 2.73
N PRO A 26 -0.98 -11.74 3.62
CA PRO A 26 -1.60 -13.06 3.73
C PRO A 26 -3.05 -12.92 4.16
N VAL A 27 -3.32 -11.80 4.83
CA VAL A 27 -4.65 -11.47 5.33
C VAL A 27 -5.41 -10.60 4.33
N VAL A 28 -4.69 -10.03 3.39
CA VAL A 28 -5.27 -9.19 2.36
C VAL A 28 -5.42 -10.01 1.08
N VAL A 29 -4.51 -10.97 0.93
CA VAL A 29 -4.52 -11.86 -0.22
C VAL A 29 -5.51 -12.98 -0.02
N GLY A 30 -5.53 -13.52 1.19
CA GLY A 30 -6.44 -14.61 1.49
C GLY A 30 -7.83 -14.34 0.96
N ILE A 31 -8.19 -13.06 0.89
CA ILE A 31 -9.50 -12.69 0.37
C ILE A 31 -9.48 -12.65 -1.15
N LYS A 32 -8.38 -12.12 -1.69
CA LYS A 32 -8.21 -12.05 -3.14
C LYS A 32 -7.83 -13.44 -3.66
N ALA A 33 -7.30 -14.27 -2.77
CA ALA A 33 -6.92 -15.63 -3.12
C ALA A 33 -8.11 -16.56 -3.03
N ILE A 34 -9.06 -16.22 -2.17
CA ILE A 34 -10.28 -17.01 -2.00
C ILE A 34 -11.38 -16.50 -2.91
N GLY A 35 -11.52 -15.19 -2.96
CA GLY A 35 -12.52 -14.59 -3.82
C GLY A 35 -11.98 -14.37 -5.22
N LYS A 36 -10.70 -14.70 -5.40
CA LYS A 36 -10.05 -14.53 -6.70
C LYS A 36 -10.07 -13.07 -7.14
N GLY A 1 5.90 22.72 -8.55
CA GLY A 1 5.91 22.98 -7.09
C GLY A 1 5.03 22.02 -6.33
N GLY A 2 3.73 22.04 -6.63
CA GLY A 2 2.79 21.16 -5.96
C GLY A 2 2.70 19.80 -6.62
N LEU A 3 2.97 19.75 -7.92
CA LEU A 3 2.90 18.50 -8.66
C LEU A 3 3.70 17.41 -7.96
N LYS A 4 5.00 17.65 -7.84
CA LYS A 4 5.88 16.71 -7.16
C LYS A 4 5.50 16.63 -5.69
N LYS A 5 4.86 17.68 -5.19
CA LYS A 5 4.43 17.74 -3.80
C LYS A 5 3.31 16.74 -3.54
N LEU A 6 2.38 16.63 -4.49
CA LEU A 6 1.26 15.70 -4.37
C LEU A 6 1.67 14.29 -4.77
N GLY A 7 2.54 14.19 -5.77
CA GLY A 7 2.99 12.90 -6.22
C GLY A 7 3.92 12.21 -5.24
N LYS A 8 4.54 13.00 -4.36
CA LYS A 8 5.45 12.45 -3.36
C LYS A 8 4.76 12.27 -2.01
N LYS A 9 3.73 13.08 -1.77
CA LYS A 9 2.99 13.01 -0.52
C LYS A 9 2.31 11.65 -0.37
N LEU A 10 1.50 11.30 -1.37
CA LEU A 10 0.79 10.02 -1.35
C LEU A 10 1.77 8.86 -1.42
N GLU A 11 2.64 8.88 -2.42
CA GLU A 11 3.63 7.83 -2.60
C GLU A 11 4.49 7.66 -1.35
N GLY A 12 4.93 8.78 -0.79
CA GLY A 12 5.76 8.74 0.41
C GLY A 12 5.16 7.88 1.50
N ALA A 13 3.86 8.02 1.72
CA ALA A 13 3.17 7.25 2.75
C ALA A 13 3.13 5.78 2.38
N GLY A 14 2.73 5.49 1.14
CA GLY A 14 2.65 4.12 0.68
C GLY A 14 3.96 3.37 0.86
N LYS A 15 5.08 4.08 0.72
CA LYS A 15 6.38 3.44 0.88
C LYS A 15 6.52 2.85 2.28
N ARG A 16 5.98 3.56 3.27
CA ARG A 16 6.03 3.09 4.65
C ARG A 16 4.94 2.07 4.91
N VAL A 17 3.71 2.45 4.56
CA VAL A 17 2.54 1.60 4.75
C VAL A 17 2.72 0.24 4.07
N PHE A 18 3.56 0.21 3.04
CA PHE A 18 3.81 -1.03 2.31
C PHE A 18 4.11 -2.17 3.28
N LYS A 19 4.64 -1.83 4.45
CA LYS A 19 4.97 -2.82 5.46
C LYS A 19 3.71 -3.19 6.25
N ALA A 20 2.85 -2.20 6.46
CA ALA A 20 1.61 -2.43 7.18
C ALA A 20 0.73 -3.41 6.43
N SER A 21 0.73 -3.29 5.10
CA SER A 21 -0.05 -4.18 4.25
C SER A 21 0.72 -5.47 3.97
N GLU A 22 2.04 -5.34 3.86
CA GLU A 22 2.90 -6.49 3.60
C GLU A 22 2.72 -7.55 4.68
N LYS A 23 2.57 -7.08 5.92
CA LYS A 23 2.40 -7.98 7.05
C LYS A 23 1.07 -8.73 6.97
N ALA A 24 0.07 -8.09 6.35
CA ALA A 24 -1.24 -8.70 6.21
C ALA A 24 -1.49 -9.18 4.79
N LEU A 25 -0.44 -9.24 3.96
CA LEU A 25 -0.62 -9.72 2.59
C LEU A 25 -1.21 -11.13 2.62
N PRO A 26 -0.71 -11.96 3.52
CA PRO A 26 -1.22 -13.32 3.70
C PRO A 26 -2.65 -13.26 4.23
N VAL A 27 -2.96 -12.16 4.90
CA VAL A 27 -4.28 -11.91 5.47
C VAL A 27 -5.16 -11.13 4.51
N VAL A 28 -4.54 -10.55 3.48
CA VAL A 28 -5.26 -9.80 2.47
C VAL A 28 -5.42 -10.66 1.23
N VAL A 29 -4.46 -11.56 1.04
CA VAL A 29 -4.47 -12.49 -0.07
C VAL A 29 -5.36 -13.67 0.23
N GLY A 30 -5.27 -14.17 1.45
CA GLY A 30 -6.07 -15.30 1.84
C GLY A 30 -7.51 -15.16 1.41
N ILE A 31 -7.97 -13.91 1.32
CA ILE A 31 -9.33 -13.65 0.88
C ILE A 31 -9.38 -13.61 -0.64
N LYS A 32 -8.36 -13.01 -1.24
CA LYS A 32 -8.27 -12.94 -2.68
C LYS A 32 -7.85 -14.29 -3.24
N ALA A 33 -7.24 -15.11 -2.39
CA ALA A 33 -6.79 -16.43 -2.80
C ALA A 33 -7.89 -17.47 -2.64
N ILE A 34 -8.87 -17.17 -1.79
CA ILE A 34 -9.98 -18.09 -1.53
C ILE A 34 -11.16 -17.84 -2.46
N GLY A 35 -11.52 -16.59 -2.59
CA GLY A 35 -12.62 -16.21 -3.45
C GLY A 35 -12.26 -15.04 -4.33
N LYS A 36 -11.00 -14.60 -4.23
CA LYS A 36 -10.55 -13.47 -5.02
C LYS A 36 -11.30 -12.21 -4.66
N GLY A 1 4.27 23.33 -8.70
CA GLY A 1 3.37 22.23 -9.17
C GLY A 1 3.02 21.26 -8.05
N GLY A 2 1.72 21.10 -7.80
CA GLY A 2 1.28 20.20 -6.76
C GLY A 2 1.36 18.74 -7.17
N LEU A 3 1.38 18.49 -8.48
CA LEU A 3 1.46 17.12 -9.00
C LEU A 3 2.54 16.33 -8.27
N LYS A 4 3.77 16.80 -8.39
CA LYS A 4 4.90 16.15 -7.73
C LYS A 4 4.71 16.13 -6.23
N LYS A 5 3.89 17.07 -5.73
CA LYS A 5 3.61 17.17 -4.31
C LYS A 5 2.76 15.99 -3.84
N LEU A 6 1.78 15.62 -4.65
CA LEU A 6 0.90 14.51 -4.31
C LEU A 6 1.55 13.17 -4.61
N GLY A 7 2.34 13.13 -5.67
CA GLY A 7 3.02 11.90 -6.06
C GLY A 7 4.11 11.51 -5.08
N LYS A 8 4.61 12.47 -4.32
CA LYS A 8 5.68 12.21 -3.36
C LYS A 8 5.09 11.94 -1.97
N LYS A 9 4.10 12.73 -1.57
CA LYS A 9 3.48 12.57 -0.27
C LYS A 9 2.87 11.18 -0.12
N LEU A 10 2.09 10.78 -1.11
CA LEU A 10 1.44 9.48 -1.09
C LEU A 10 2.47 8.35 -1.08
N GLU A 11 3.46 8.44 -1.97
CA GLU A 11 4.50 7.43 -2.06
C GLU A 11 5.23 7.26 -0.73
N GLY A 12 5.57 8.39 -0.10
CA GLY A 12 6.26 8.34 1.17
C GLY A 12 5.58 7.45 2.18
N ALA A 13 4.25 7.56 2.27
CA ALA A 13 3.48 6.76 3.21
C ALA A 13 3.53 5.28 2.83
N GLY A 14 3.29 4.99 1.56
CA GLY A 14 3.31 3.62 1.08
C GLY A 14 4.61 2.91 1.40
N LYS A 15 5.72 3.65 1.36
CA LYS A 15 7.03 3.07 1.67
C LYS A 15 7.07 2.59 3.11
N ARG A 16 6.43 3.33 4.00
CA ARG A 16 6.39 2.96 5.41
C ARG A 16 5.30 1.93 5.65
N VAL A 17 4.10 2.26 5.20
CA VAL A 17 2.93 1.39 5.36
C VAL A 17 3.19 0.01 4.77
N PHE A 18 4.12 -0.07 3.84
CA PHE A 18 4.45 -1.35 3.21
C PHE A 18 4.70 -2.42 4.27
N LYS A 19 5.14 -1.99 5.46
CA LYS A 19 5.40 -2.90 6.55
C LYS A 19 4.08 -3.28 7.22
N ALA A 20 3.15 -2.34 7.23
CA ALA A 20 1.83 -2.56 7.82
C ALA A 20 0.98 -3.42 6.89
N SER A 21 1.19 -3.26 5.59
CA SER A 21 0.45 -4.00 4.59
C SER A 21 1.10 -5.36 4.33
N GLU A 22 2.42 -5.36 4.12
CA GLU A 22 3.16 -6.59 3.86
C GLU A 22 2.86 -7.64 4.92
N LYS A 23 2.64 -7.18 6.15
CA LYS A 23 2.35 -8.08 7.27
C LYS A 23 1.01 -8.78 7.06
N ALA A 24 0.03 -8.04 6.53
CA ALA A 24 -1.30 -8.59 6.30
C ALA A 24 -1.49 -8.98 4.84
N LEU A 25 -0.42 -9.03 4.06
CA LEU A 25 -0.55 -9.42 2.66
C LEU A 25 -1.20 -10.79 2.57
N PRO A 26 -0.78 -11.71 3.43
CA PRO A 26 -1.35 -13.04 3.50
C PRO A 26 -2.80 -12.96 3.98
N VAL A 27 -3.09 -11.88 4.70
CA VAL A 27 -4.42 -11.63 5.23
C VAL A 27 -5.23 -10.72 4.32
N VAL A 28 -4.55 -10.13 3.33
CA VAL A 28 -5.19 -9.27 2.36
C VAL A 28 -5.33 -10.02 1.05
N VAL A 29 -4.41 -10.95 0.83
CA VAL A 29 -4.39 -11.78 -0.35
C VAL A 29 -5.35 -12.94 -0.19
N GLY A 30 -5.33 -13.54 0.99
CA GLY A 30 -6.21 -14.66 1.26
C GLY A 30 -7.62 -14.41 0.79
N ILE A 31 -8.02 -13.14 0.79
CA ILE A 31 -9.36 -12.78 0.33
C ILE A 31 -9.35 -12.58 -1.18
N LYS A 32 -8.24 -12.04 -1.68
CA LYS A 32 -8.08 -11.82 -3.11
C LYS A 32 -7.70 -13.14 -3.78
N ALA A 33 -7.17 -14.06 -3.00
CA ALA A 33 -6.76 -15.37 -3.51
C ALA A 33 -7.93 -16.35 -3.46
N ILE A 34 -8.91 -16.06 -2.61
CA ILE A 34 -10.07 -16.93 -2.46
C ILE A 34 -11.25 -16.45 -3.28
N GLY A 35 -11.50 -15.16 -3.23
CA GLY A 35 -12.58 -14.58 -3.99
C GLY A 35 -12.14 -13.40 -4.80
N LYS A 36 -10.84 -13.13 -4.78
CA LYS A 36 -10.29 -12.00 -5.54
C LYS A 36 -10.91 -10.69 -5.07
N GLY A 1 6.20 21.79 -8.67
CA GLY A 1 4.73 21.91 -8.82
C GLY A 1 3.98 21.07 -7.80
N GLY A 2 2.67 21.27 -7.73
CA GLY A 2 1.85 20.52 -6.79
C GLY A 2 1.69 19.06 -7.20
N LEU A 3 1.87 18.78 -8.48
CA LEU A 3 1.73 17.41 -8.99
C LEU A 3 2.65 16.48 -8.21
N LYS A 4 3.95 16.74 -8.28
CA LYS A 4 4.92 15.93 -7.55
C LYS A 4 4.67 16.05 -6.05
N LYS A 5 4.02 17.14 -5.66
CA LYS A 5 3.71 17.40 -4.25
C LYS A 5 2.68 16.40 -3.74
N LEU A 6 1.71 16.08 -4.59
CA LEU A 6 0.65 15.15 -4.22
C LEU A 6 1.13 13.71 -4.33
N GLY A 7 1.96 13.44 -5.34
CA GLY A 7 2.49 12.10 -5.52
C GLY A 7 3.43 11.68 -4.43
N LYS A 8 4.49 12.46 -4.22
CA LYS A 8 5.48 12.15 -3.19
C LYS A 8 4.82 12.10 -1.80
N LYS A 9 3.71 12.80 -1.65
CA LYS A 9 3.00 12.83 -0.38
C LYS A 9 2.44 11.44 -0.04
N LEU A 10 1.61 10.91 -0.91
CA LEU A 10 1.00 9.59 -0.72
C LEU A 10 2.05 8.50 -0.85
N GLU A 11 2.86 8.59 -1.89
CA GLU A 11 3.91 7.59 -2.14
C GLU A 11 4.81 7.43 -0.92
N GLY A 12 5.11 8.55 -0.26
CA GLY A 12 5.97 8.51 0.91
C GLY A 12 5.42 7.60 2.00
N ALA A 13 4.11 7.69 2.22
CA ALA A 13 3.46 6.87 3.24
C ALA A 13 3.51 5.40 2.86
N GLY A 14 3.22 5.12 1.59
CA GLY A 14 3.24 3.75 1.11
C GLY A 14 4.55 3.04 1.40
N LYS A 15 5.65 3.78 1.31
CA LYS A 15 6.97 3.21 1.56
C LYS A 15 7.06 2.71 2.99
N ARG A 16 6.44 3.43 3.90
CA ARG A 16 6.43 3.05 5.32
C ARG A 16 5.36 2.00 5.58
N VAL A 17 4.14 2.30 5.16
CA VAL A 17 3.00 1.42 5.33
C VAL A 17 3.25 0.06 4.71
N PHE A 18 4.16 -0.01 3.74
CA PHE A 18 4.47 -1.26 3.08
C PHE A 18 4.74 -2.36 4.10
N LYS A 19 5.21 -1.96 5.28
CA LYS A 19 5.50 -2.89 6.36
C LYS A 19 4.20 -3.31 7.04
N ALA A 20 3.27 -2.37 7.10
CA ALA A 20 1.97 -2.62 7.70
C ALA A 20 1.10 -3.46 6.77
N SER A 21 1.29 -3.26 5.46
CA SER A 21 0.53 -3.99 4.45
C SER A 21 1.19 -5.32 4.14
N GLU A 22 2.51 -5.30 3.91
CA GLU A 22 3.25 -6.52 3.60
C GLU A 22 2.99 -7.60 4.64
N LYS A 23 2.90 -7.20 5.90
CA LYS A 23 2.67 -8.12 6.99
C LYS A 23 1.28 -8.77 6.87
N ALA A 24 0.34 -8.04 6.29
CA ALA A 24 -1.02 -8.54 6.11
C ALA A 24 -1.28 -8.97 4.68
N LEU A 25 -0.24 -9.07 3.86
CA LEU A 25 -0.43 -9.49 2.47
C LEU A 25 -1.14 -10.84 2.44
N PRO A 26 -0.72 -11.75 3.31
CA PRO A 26 -1.35 -13.07 3.43
C PRO A 26 -2.76 -12.93 3.97
N VAL A 27 -3.00 -11.80 4.62
CA VAL A 27 -4.29 -11.47 5.21
C VAL A 27 -5.11 -10.59 4.29
N VAL A 28 -4.44 -9.96 3.32
CA VAL A 28 -5.11 -9.12 2.35
C VAL A 28 -5.32 -9.91 1.07
N VAL A 29 -4.43 -10.88 0.85
CA VAL A 29 -4.50 -11.74 -0.32
C VAL A 29 -5.48 -12.86 -0.08
N GLY A 30 -5.44 -13.44 1.10
CA GLY A 30 -6.34 -14.52 1.44
C GLY A 30 -7.76 -14.24 1.01
N ILE A 31 -8.12 -12.96 0.98
CA ILE A 31 -9.46 -12.57 0.53
C ILE A 31 -9.51 -12.48 -0.98
N LYS A 32 -8.44 -11.96 -1.56
CA LYS A 32 -8.34 -11.85 -3.01
C LYS A 32 -8.01 -13.22 -3.60
N ALA A 33 -7.43 -14.08 -2.76
CA ALA A 33 -7.08 -15.43 -3.18
C ALA A 33 -8.28 -16.36 -3.04
N ILE A 34 -9.21 -16.01 -2.16
CA ILE A 34 -10.41 -16.79 -1.94
C ILE A 34 -11.56 -16.23 -2.76
N GLY A 35 -11.69 -14.91 -2.74
CA GLY A 35 -12.74 -14.27 -3.50
C GLY A 35 -12.33 -14.07 -4.95
N LYS A 36 -11.07 -14.41 -5.25
CA LYS A 36 -10.54 -14.28 -6.60
C LYS A 36 -9.25 -15.07 -6.77
N GLY A 1 6.11 23.50 -7.84
CA GLY A 1 4.76 23.04 -8.26
C GLY A 1 4.16 22.05 -7.28
N GLY A 2 2.86 21.80 -7.43
CA GLY A 2 2.19 20.87 -6.54
C GLY A 2 2.32 19.43 -6.99
N LEU A 3 2.54 19.23 -8.29
CA LEU A 3 2.69 17.89 -8.86
C LEU A 3 3.64 17.05 -8.02
N LYS A 4 4.88 17.50 -7.96
CA LYS A 4 5.90 16.81 -7.18
C LYS A 4 5.55 16.87 -5.69
N LYS A 5 4.75 17.88 -5.32
CA LYS A 5 4.34 18.05 -3.93
C LYS A 5 3.35 16.96 -3.53
N LEU A 6 2.51 16.54 -4.48
CA LEU A 6 1.53 15.50 -4.22
C LEU A 6 2.15 14.11 -4.33
N GLY A 7 3.10 13.97 -5.24
CA GLY A 7 3.76 12.69 -5.43
C GLY A 7 4.67 12.33 -4.26
N LYS A 8 5.65 13.18 -3.99
CA LYS A 8 6.59 12.94 -2.89
C LYS A 8 5.86 12.72 -1.58
N LYS A 9 4.77 13.45 -1.38
CA LYS A 9 3.98 13.34 -0.15
C LYS A 9 3.35 11.95 -0.06
N LEU A 10 2.55 11.59 -1.06
CA LEU A 10 1.89 10.29 -1.08
C LEU A 10 2.90 9.15 -1.03
N GLU A 11 3.99 9.29 -1.78
CA GLU A 11 5.03 8.27 -1.81
C GLU A 11 5.58 8.01 -0.41
N GLY A 12 5.90 9.07 0.30
CA GLY A 12 6.43 8.93 1.64
C GLY A 12 5.55 8.09 2.53
N ALA A 13 4.26 8.40 2.54
CA ALA A 13 3.30 7.66 3.35
C ALA A 13 3.07 6.26 2.77
N GLY A 14 2.85 6.21 1.46
CA GLY A 14 2.63 4.93 0.80
C GLY A 14 3.71 3.92 1.11
N LYS A 15 4.91 4.41 1.38
CA LYS A 15 6.03 3.51 1.70
C LYS A 15 5.75 2.78 3.01
N ARG A 16 5.56 3.54 4.08
CA ARG A 16 5.26 2.96 5.38
C ARG A 16 4.02 2.09 5.30
N VAL A 17 3.12 2.46 4.38
CA VAL A 17 1.87 1.74 4.19
C VAL A 17 2.08 0.46 3.40
N PHE A 18 2.86 0.53 2.33
CA PHE A 18 3.13 -0.63 1.50
C PHE A 18 3.56 -1.81 2.38
N LYS A 19 4.32 -1.49 3.42
CA LYS A 19 4.79 -2.51 4.36
C LYS A 19 3.65 -2.90 5.29
N ALA A 20 2.76 -1.95 5.57
CA ALA A 20 1.61 -2.19 6.43
C ALA A 20 0.70 -3.25 5.82
N SER A 21 0.50 -3.17 4.51
CA SER A 21 -0.34 -4.11 3.80
C SER A 21 0.45 -5.36 3.42
N GLU A 22 1.73 -5.16 3.09
CA GLU A 22 2.59 -6.27 2.72
C GLU A 22 2.64 -7.31 3.83
N LYS A 23 2.55 -6.84 5.07
CA LYS A 23 2.57 -7.73 6.23
C LYS A 23 1.30 -8.56 6.30
N ALA A 24 0.20 -7.98 5.83
CA ALA A 24 -1.08 -8.67 5.84
C ALA A 24 -1.48 -9.13 4.45
N LEU A 25 -0.56 -9.10 3.49
CA LEU A 25 -0.87 -9.54 2.14
C LEU A 25 -1.35 -10.98 2.18
N PRO A 26 -0.68 -11.82 2.98
CA PRO A 26 -1.07 -13.21 3.17
C PRO A 26 -2.42 -13.28 3.88
N VAL A 27 -2.73 -12.20 4.60
CA VAL A 27 -3.97 -12.08 5.34
C VAL A 27 -5.03 -11.33 4.52
N VAL A 28 -4.59 -10.66 3.47
CA VAL A 28 -5.47 -9.93 2.58
C VAL A 28 -5.74 -10.77 1.34
N VAL A 29 -4.74 -11.59 1.00
CA VAL A 29 -4.83 -12.47 -0.14
C VAL A 29 -5.59 -13.73 0.21
N GLY A 30 -5.31 -14.26 1.40
CA GLY A 30 -5.98 -15.46 1.84
C GLY A 30 -7.46 -15.41 1.59
N ILE A 31 -8.02 -14.20 1.61
CA ILE A 31 -9.45 -14.02 1.34
C ILE A 31 -9.70 -13.97 -0.15
N LYS A 32 -8.80 -13.30 -0.87
CA LYS A 32 -8.90 -13.22 -2.32
C LYS A 32 -8.44 -14.53 -2.94
N ALA A 33 -7.65 -15.29 -2.19
CA ALA A 33 -7.13 -16.56 -2.65
C ALA A 33 -8.15 -17.66 -2.37
N ILE A 34 -8.96 -17.47 -1.33
CA ILE A 34 -9.99 -18.43 -0.95
C ILE A 34 -11.29 -18.12 -1.66
N GLY A 35 -11.65 -16.84 -1.66
CA GLY A 35 -12.86 -16.41 -2.33
C GLY A 35 -12.59 -16.10 -3.79
N LYS A 36 -11.33 -16.21 -4.19
CA LYS A 36 -10.92 -15.94 -5.57
C LYS A 36 -11.30 -14.52 -5.97
N GLY A 1 5.93 23.76 -8.84
CA GLY A 1 5.02 22.64 -9.23
C GLY A 1 4.60 21.80 -8.05
N GLY A 2 3.29 21.76 -7.79
CA GLY A 2 2.78 20.98 -6.67
C GLY A 2 2.61 19.52 -7.01
N LEU A 3 2.50 19.21 -8.30
CA LEU A 3 2.33 17.84 -8.75
C LEU A 3 3.35 16.92 -8.08
N LYS A 4 4.62 17.20 -8.33
CA LYS A 4 5.69 16.42 -7.74
C LYS A 4 5.63 16.49 -6.21
N LYS A 5 5.01 17.55 -5.71
CA LYS A 5 4.87 17.75 -4.27
C LYS A 5 3.93 16.72 -3.67
N LEU A 6 2.83 16.46 -4.37
CA LEU A 6 1.85 15.48 -3.91
C LEU A 6 2.32 14.06 -4.19
N GLY A 7 2.89 13.86 -5.37
CA GLY A 7 3.39 12.54 -5.75
C GLY A 7 4.51 12.07 -4.85
N LYS A 8 5.20 13.00 -4.21
CA LYS A 8 6.30 12.67 -3.32
C LYS A 8 5.83 12.56 -1.87
N LYS A 9 4.79 13.31 -1.54
CA LYS A 9 4.23 13.29 -0.20
C LYS A 9 3.55 11.97 0.10
N LEU A 10 2.47 11.71 -0.63
CA LEU A 10 1.70 10.47 -0.48
C LEU A 10 2.62 9.25 -0.50
N GLU A 11 3.59 9.28 -1.40
CA GLU A 11 4.54 8.18 -1.54
C GLU A 11 5.26 7.91 -0.22
N GLY A 12 5.59 8.98 0.50
CA GLY A 12 6.27 8.84 1.77
C GLY A 12 5.43 8.12 2.80
N ALA A 13 4.16 8.52 2.91
CA ALA A 13 3.25 7.90 3.87
C ALA A 13 2.81 6.52 3.41
N GLY A 14 2.55 6.39 2.10
CA GLY A 14 2.14 5.12 1.55
C GLY A 14 3.23 4.07 1.62
N LYS A 15 4.48 4.52 1.74
CA LYS A 15 5.60 3.60 1.81
C LYS A 15 5.52 2.76 3.08
N ARG A 16 5.48 3.42 4.23
CA ARG A 16 5.39 2.71 5.50
C ARG A 16 4.07 1.93 5.57
N VAL A 17 3.12 2.34 4.73
CA VAL A 17 1.81 1.68 4.67
C VAL A 17 1.87 0.45 3.79
N PHE A 18 2.45 0.61 2.60
CA PHE A 18 2.57 -0.49 1.66
C PHE A 18 3.18 -1.70 2.36
N LYS A 19 4.16 -1.44 3.23
CA LYS A 19 4.81 -2.49 3.98
C LYS A 19 3.90 -2.93 5.12
N ALA A 20 3.07 -2.00 5.60
CA ALA A 20 2.13 -2.28 6.66
C ALA A 20 1.10 -3.30 6.21
N SER A 21 0.57 -3.10 5.01
CA SER A 21 -0.41 -4.01 4.45
C SER A 21 0.27 -5.25 3.89
N GLU A 22 1.47 -5.05 3.32
CA GLU A 22 2.25 -6.14 2.77
C GLU A 22 2.53 -7.20 3.83
N LYS A 23 2.45 -6.81 5.09
CA LYS A 23 2.68 -7.74 6.18
C LYS A 23 1.51 -8.72 6.27
N ALA A 24 0.32 -8.23 5.91
CA ALA A 24 -0.87 -9.06 5.93
C ALA A 24 -1.37 -9.31 4.51
N LEU A 25 -0.51 -9.08 3.51
CA LEU A 25 -0.91 -9.33 2.14
C LEU A 25 -1.24 -10.79 1.94
N PRO A 26 -0.49 -11.69 2.60
CA PRO A 26 -0.73 -13.11 2.54
C PRO A 26 -1.91 -13.48 3.43
N VAL A 27 -2.30 -12.52 4.26
CA VAL A 27 -3.42 -12.68 5.17
C VAL A 27 -4.62 -11.90 4.67
N VAL A 28 -4.39 -11.06 3.66
CA VAL A 28 -5.44 -10.27 3.06
C VAL A 28 -5.78 -10.86 1.70
N VAL A 29 -4.77 -11.46 1.06
CA VAL A 29 -4.95 -12.10 -0.22
C VAL A 29 -5.50 -13.49 -0.04
N GLY A 30 -5.01 -14.19 0.97
CA GLY A 30 -5.47 -15.54 1.23
C GLY A 30 -6.98 -15.64 1.18
N ILE A 31 -7.65 -14.55 1.51
CA ILE A 31 -9.12 -14.51 1.47
C ILE A 31 -9.58 -14.18 0.07
N LYS A 32 -8.85 -13.28 -0.59
CA LYS A 32 -9.17 -12.89 -1.94
C LYS A 32 -8.70 -13.97 -2.91
N ALA A 33 -7.74 -14.77 -2.45
CA ALA A 33 -7.19 -15.85 -3.26
C ALA A 33 -8.05 -17.11 -3.11
N ILE A 34 -8.71 -17.23 -1.97
CA ILE A 34 -9.58 -18.37 -1.69
C ILE A 34 -11.00 -18.07 -2.14
N GLY A 35 -11.47 -16.88 -1.79
CA GLY A 35 -12.80 -16.46 -2.19
C GLY A 35 -12.80 -15.78 -3.54
N LYS A 36 -11.60 -15.64 -4.12
CA LYS A 36 -11.45 -15.01 -5.42
C LYS A 36 -11.96 -13.57 -5.38
N GLY A 1 6.62 23.12 -7.82
CA GLY A 1 5.18 22.88 -8.12
C GLY A 1 4.55 21.89 -7.17
N GLY A 2 3.22 21.89 -7.09
CA GLY A 2 2.53 20.97 -6.21
C GLY A 2 2.42 19.57 -6.80
N LEU A 3 2.51 19.47 -8.12
CA LEU A 3 2.44 18.18 -8.81
C LEU A 3 3.30 17.15 -8.13
N LYS A 4 4.60 17.41 -8.12
CA LYS A 4 5.57 16.52 -7.49
C LYS A 4 5.33 16.48 -5.99
N LYS A 5 4.72 17.54 -5.47
CA LYS A 5 4.43 17.62 -4.04
C LYS A 5 3.31 16.65 -3.66
N LEU A 6 2.35 16.48 -4.55
CA LEU A 6 1.22 15.58 -4.30
C LEU A 6 1.61 14.14 -4.62
N GLY A 7 2.32 13.95 -5.72
CA GLY A 7 2.73 12.62 -6.12
C GLY A 7 3.75 12.01 -5.17
N LYS A 8 4.45 12.87 -4.42
CA LYS A 8 5.45 12.41 -3.47
C LYS A 8 4.88 12.32 -2.06
N LYS A 9 3.83 13.10 -1.79
CA LYS A 9 3.21 13.10 -0.48
C LYS A 9 2.53 11.76 -0.20
N LEU A 10 1.56 11.40 -1.03
CA LEU A 10 0.84 10.14 -0.87
C LEU A 10 1.78 8.95 -0.99
N GLU A 11 2.63 8.98 -2.01
CA GLU A 11 3.59 7.91 -2.25
C GLU A 11 4.44 7.64 -1.01
N GLY A 12 4.86 8.72 -0.34
CA GLY A 12 5.68 8.58 0.85
C GLY A 12 5.07 7.65 1.87
N ALA A 13 3.76 7.76 2.05
CA ALA A 13 3.05 6.91 3.01
C ALA A 13 3.04 5.46 2.55
N GLY A 14 2.71 5.26 1.28
CA GLY A 14 2.67 3.91 0.73
C GLY A 14 3.98 3.18 0.89
N LYS A 15 5.09 3.90 0.75
CA LYS A 15 6.41 3.30 0.89
C LYS A 15 6.60 2.75 2.30
N ARG A 16 6.06 3.46 3.28
CA ARG A 16 6.16 3.04 4.67
C ARG A 16 5.10 1.99 4.99
N VAL A 17 3.85 2.33 4.66
CA VAL A 17 2.72 1.44 4.91
C VAL A 17 2.90 0.09 4.24
N PHE A 18 3.72 0.06 3.20
CA PHE A 18 3.96 -1.19 2.47
C PHE A 18 4.29 -2.32 3.44
N LYS A 19 4.85 -1.96 4.60
CA LYS A 19 5.19 -2.94 5.62
C LYS A 19 3.96 -3.33 6.41
N ALA A 20 3.10 -2.33 6.66
CA ALA A 20 1.86 -2.56 7.40
C ALA A 20 0.95 -3.49 6.61
N SER A 21 0.98 -3.34 5.28
CA SER A 21 0.17 -4.17 4.40
C SER A 21 0.89 -5.48 4.09
N GLU A 22 2.22 -5.40 3.94
CA GLU A 22 3.03 -6.56 3.65
C GLU A 22 2.85 -7.64 4.72
N LYS A 23 2.71 -7.18 5.97
CA LYS A 23 2.53 -8.09 7.09
C LYS A 23 1.18 -8.82 7.00
N ALA A 24 0.20 -8.15 6.44
CA ALA A 24 -1.13 -8.73 6.29
C ALA A 24 -1.38 -9.21 4.87
N LEU A 25 -0.34 -9.27 4.05
CA LEU A 25 -0.51 -9.74 2.67
C LEU A 25 -1.15 -11.12 2.68
N PRO A 26 -0.69 -11.99 3.57
CA PRO A 26 -1.24 -13.33 3.73
C PRO A 26 -2.67 -13.24 4.26
N VAL A 27 -2.96 -12.11 4.89
CA VAL A 27 -4.27 -11.84 5.46
C VAL A 27 -5.13 -11.00 4.53
N VAL A 28 -4.49 -10.37 3.55
CA VAL A 28 -5.20 -9.56 2.56
C VAL A 28 -5.39 -10.39 1.30
N VAL A 29 -4.46 -11.32 1.09
CA VAL A 29 -4.50 -12.21 -0.06
C VAL A 29 -5.43 -13.37 0.19
N GLY A 30 -5.36 -13.92 1.39
CA GLY A 30 -6.22 -15.04 1.74
C GLY A 30 -7.65 -14.81 1.30
N ILE A 31 -8.05 -13.55 1.25
CA ILE A 31 -9.41 -13.22 0.82
C ILE A 31 -9.46 -13.14 -0.70
N LYS A 32 -8.42 -12.57 -1.29
CA LYS A 32 -8.32 -12.47 -2.73
C LYS A 32 -7.94 -13.82 -3.31
N ALA A 33 -7.35 -14.67 -2.47
CA ALA A 33 -6.94 -16.00 -2.88
C ALA A 33 -8.10 -16.98 -2.74
N ILE A 34 -9.02 -16.68 -1.81
CA ILE A 34 -10.19 -17.51 -1.59
C ILE A 34 -11.36 -17.03 -2.42
N GLY A 35 -11.56 -15.72 -2.43
CA GLY A 35 -12.62 -15.13 -3.21
C GLY A 35 -12.15 -14.79 -4.61
N LYS A 36 -10.87 -15.08 -4.89
CA LYS A 36 -10.29 -14.79 -6.19
C LYS A 36 -10.33 -13.30 -6.49
N GLY A 1 6.29 23.57 -7.36
CA GLY A 1 5.18 22.85 -8.04
C GLY A 1 4.52 21.83 -7.13
N GLY A 2 3.20 21.90 -7.02
CA GLY A 2 2.47 20.97 -6.19
C GLY A 2 2.51 19.55 -6.71
N LEU A 3 2.62 19.42 -8.03
CA LEU A 3 2.67 18.10 -8.68
C LEU A 3 3.67 17.21 -7.98
N LYS A 4 4.92 17.61 -8.00
CA LYS A 4 5.99 16.87 -7.35
C LYS A 4 5.75 16.85 -5.84
N LYS A 5 5.02 17.84 -5.36
CA LYS A 5 4.70 17.94 -3.93
C LYS A 5 3.76 16.82 -3.51
N LEU A 6 2.76 16.55 -4.36
CA LEU A 6 1.79 15.50 -4.08
C LEU A 6 2.34 14.13 -4.45
N GLY A 7 3.09 14.09 -5.55
CA GLY A 7 3.67 12.83 -6.00
C GLY A 7 4.71 12.30 -5.06
N LYS A 8 5.28 13.17 -4.24
CA LYS A 8 6.31 12.76 -3.28
C LYS A 8 5.72 12.63 -1.87
N LYS A 9 4.65 13.36 -1.61
CA LYS A 9 4.00 13.33 -0.31
C LYS A 9 3.28 12.01 -0.10
N LEU A 10 2.27 11.76 -0.92
CA LEU A 10 1.49 10.52 -0.83
C LEU A 10 2.38 9.29 -0.92
N GLU A 11 3.33 9.33 -1.85
CA GLU A 11 4.26 8.21 -2.04
C GLU A 11 5.02 7.91 -0.76
N GLY A 12 5.41 8.97 -0.05
CA GLY A 12 6.14 8.79 1.19
C GLY A 12 5.38 7.95 2.19
N ALA A 13 4.09 8.24 2.35
CA ALA A 13 3.25 7.50 3.28
C ALA A 13 2.99 6.09 2.76
N GLY A 14 2.57 6.00 1.50
CA GLY A 14 2.29 4.71 0.90
C GLY A 14 3.46 3.76 1.03
N LYS A 15 4.67 4.29 1.03
CA LYS A 15 5.86 3.46 1.16
C LYS A 15 5.92 2.81 2.53
N ARG A 16 5.46 3.55 3.53
CA ARG A 16 5.43 3.05 4.91
C ARG A 16 4.19 2.17 5.10
N VAL A 17 3.18 2.40 4.27
CA VAL A 17 1.93 1.66 4.34
C VAL A 17 2.02 0.37 3.54
N PHE A 18 2.65 0.44 2.38
CA PHE A 18 2.80 -0.74 1.53
C PHE A 18 3.37 -1.89 2.35
N LYS A 19 4.22 -1.55 3.31
CA LYS A 19 4.82 -2.55 4.18
C LYS A 19 3.84 -2.95 5.27
N ALA A 20 2.96 -2.01 5.64
CA ALA A 20 1.94 -2.26 6.66
C ALA A 20 0.95 -3.29 6.15
N SER A 21 0.52 -3.12 4.90
CA SER A 21 -0.43 -4.04 4.29
C SER A 21 0.29 -5.31 3.87
N GLU A 22 1.54 -5.16 3.44
CA GLU A 22 2.35 -6.30 3.02
C GLU A 22 2.51 -7.30 4.16
N LYS A 23 2.32 -6.82 5.39
CA LYS A 23 2.43 -7.69 6.55
C LYS A 23 1.22 -8.60 6.62
N ALA A 24 0.08 -8.10 6.16
CA ALA A 24 -1.14 -8.87 6.14
C ALA A 24 -1.54 -9.19 4.72
N LEU A 25 -0.60 -9.08 3.78
CA LEU A 25 -0.92 -9.40 2.40
C LEU A 25 -1.30 -10.87 2.26
N PRO A 26 -0.65 -11.74 3.04
CA PRO A 26 -0.96 -13.16 3.05
C PRO A 26 -2.22 -13.41 3.88
N VAL A 27 -2.63 -12.37 4.60
CA VAL A 27 -3.81 -12.41 5.43
C VAL A 27 -4.94 -11.63 4.77
N VAL A 28 -4.58 -10.87 3.75
CA VAL A 28 -5.55 -10.08 2.98
C VAL A 28 -5.79 -10.78 1.65
N VAL A 29 -4.76 -11.46 1.16
CA VAL A 29 -4.86 -12.20 -0.08
C VAL A 29 -5.48 -13.55 0.15
N GLY A 30 -5.12 -14.17 1.26
CA GLY A 30 -5.66 -15.48 1.60
C GLY A 30 -7.16 -15.53 1.41
N ILE A 31 -7.80 -14.39 1.59
CA ILE A 31 -9.26 -14.31 1.42
C ILE A 31 -9.59 -14.11 -0.05
N LYS A 32 -8.79 -13.29 -0.72
CA LYS A 32 -8.98 -13.03 -2.13
C LYS A 32 -8.46 -14.22 -2.93
N ALA A 33 -7.57 -14.99 -2.31
CA ALA A 33 -6.99 -16.16 -2.95
C ALA A 33 -7.90 -17.37 -2.77
N ILE A 34 -8.66 -17.36 -1.66
CA ILE A 34 -9.60 -18.45 -1.38
C ILE A 34 -10.96 -18.15 -1.97
N GLY A 35 -11.41 -16.91 -1.78
CA GLY A 35 -12.69 -16.50 -2.33
C GLY A 35 -12.53 -15.99 -3.74
N LYS A 36 -11.29 -15.96 -4.22
CA LYS A 36 -11.00 -15.49 -5.57
C LYS A 36 -11.46 -14.04 -5.75
#